data_1VBG
#
_entry.id   1VBG
#
_cell.length_a   108.157
_cell.length_b   100.222
_cell.length_c   108.406
_cell.angle_alpha   90.00
_cell.angle_beta   96.53
_cell.angle_gamma   90.00
#
_symmetry.space_group_name_H-M   'C 1 2 1'
#
loop_
_entity.id
_entity.type
_entity.pdbx_description
1 polymer 'pyruvate,orthophosphate dikinase'
2 non-polymer 'MAGNESIUM ION'
3 non-polymer 'SULFATE ION'
4 water water
#
_entity_poly.entity_id   1
_entity_poly.type   'polypeptide(L)'
_entity_poly.pdbx_seq_one_letter_code
;TTKKRVFHFGKGKSEGNKTMKELLGGKGANLAEMASIGLSVPPGFTVSTEACQQYQDAGCALPAGLWAEIVDGLQWVEEY
MGATLGDPQRPLLLSVRSGAAVSMPGMMDTVLNLGLNDEVAAGLAAKSGERFAYDSFRRFLDMFGNVVMDIPRSLFEEKL
EHMKESKGLKNDTDLTASDLKELVGQYKEVYLSAKGEPFPSDPKKQLELAVLAVFNSWESPRAKKYRSINQITGLRGTAV
NVQCMVFGNMGNTSGTGVLFTRNPNTGEKKLYGEFLVNAQGEDVVAGIRTPEDLDAMKNLMPQAYDELVENCNILESHYK
EMQDIEFTVQENRLWMLQCRTGKRTGKSAVKIAVDMVNEGLVEPRSAIKMVEPGHLDQLLHPQFENPSAYKDQVIATGLP
ASPGAAVGQVVFTAEDAEAWHSQGKAAILVRAETSPEDVGGMHAAVGILTERGGMTSHAAVVARGWGKCCVSGCSGIRVN
DAEKLVTIGGHVLREGEWLSLNGSTGEVILGKQPLSPPALSGDLGTFMAWVDDVRKLKVLANADTPDDALTARNNGAQGI
GLCRTEHMFFASDERIKAVRQMIMAPTLELRQQALDRLLPYQRSDFEGIFRAMDGLPVTIRLLDPPLHEFLPEGNIEDIV
SELCAETGANQEDALARIEKLSEVNPMLGFRGCRLGISYPELTEMQARAIFEAAIAMTNQGVQVFPEIMVPLVGTPQELG
HQVTLIRQVAEKVFANVGKTIGYKVGTMIEIPRAALVADEIAEQAEFFSFGTNDLTQMTFGYSRDDVGKFIPVYLAQGIL
QHDPFEVLDQRGVGELVKFATERGRKARPNLKVGICGEHGGEPSSVAFFAKAGLDYVSCSPFRVPIARLAAAQVLV
;
_entity_poly.pdbx_strand_id   A
#
loop_
_chem_comp.id
_chem_comp.type
_chem_comp.name
_chem_comp.formula
MG non-polymer 'MAGNESIUM ION' 'Mg 2'
SO4 non-polymer 'SULFATE ION' 'O4 S -2'
#
# COMPACT_ATOMS: atom_id res chain seq x y z
N LYS A 3 8.86 -37.92 20.69
CA LYS A 3 7.42 -37.56 20.80
C LYS A 3 6.88 -37.48 19.38
N LYS A 4 5.81 -38.22 19.09
CA LYS A 4 5.25 -38.22 17.75
C LYS A 4 3.95 -37.45 17.55
N ARG A 5 3.21 -37.21 18.63
CA ARG A 5 1.97 -36.46 18.51
C ARG A 5 1.91 -35.25 19.44
N VAL A 6 2.84 -35.19 20.39
CA VAL A 6 2.93 -34.09 21.36
C VAL A 6 4.38 -33.66 21.49
N PHE A 7 4.65 -32.38 21.29
CA PHE A 7 6.01 -31.86 21.36
C PHE A 7 6.12 -30.70 22.35
N HIS A 8 6.92 -30.87 23.41
CA HIS A 8 7.06 -29.79 24.38
C HIS A 8 8.11 -28.79 23.93
N PHE A 9 8.21 -27.68 24.64
CA PHE A 9 9.16 -26.63 24.31
C PHE A 9 9.34 -25.68 25.49
N GLY A 10 10.53 -25.08 25.56
CA GLY A 10 10.87 -24.16 26.62
C GLY A 10 12.14 -23.44 26.24
N LYS A 11 12.62 -22.56 27.13
CA LYS A 11 13.83 -21.79 26.87
C LYS A 11 15.03 -22.70 26.58
N GLY A 12 15.40 -22.79 25.31
CA GLY A 12 16.54 -23.60 24.91
C GLY A 12 16.20 -25.06 24.71
N LYS A 13 14.91 -25.39 24.78
CA LYS A 13 14.46 -26.78 24.62
C LYS A 13 13.20 -26.88 23.77
N SER A 14 13.20 -27.80 22.82
CA SER A 14 12.03 -28.01 21.97
C SER A 14 12.16 -29.32 21.23
N GLU A 15 11.05 -30.05 21.10
CA GLU A 15 11.10 -31.32 20.40
C GLU A 15 10.95 -31.12 18.90
N GLY A 16 10.17 -30.10 18.54
CA GLY A 16 9.97 -29.82 17.13
C GLY A 16 10.88 -28.68 16.70
N ASN A 17 10.87 -28.36 15.41
CA ASN A 17 11.69 -27.28 14.88
C ASN A 17 10.89 -26.37 13.94
N LYS A 18 11.50 -25.26 13.57
CA LYS A 18 10.87 -24.26 12.71
C LYS A 18 10.30 -24.74 11.37
N THR A 19 10.77 -25.88 10.87
CA THR A 19 10.31 -26.40 9.58
C THR A 19 9.06 -27.30 9.60
N MET A 20 8.53 -27.59 10.78
CA MET A 20 7.37 -28.46 10.89
C MET A 20 6.03 -27.73 10.90
N LYS A 21 5.82 -26.89 9.89
CA LYS A 21 4.58 -26.11 9.79
C LYS A 21 3.37 -27.02 9.55
N GLU A 22 3.62 -28.14 8.88
CA GLU A 22 2.56 -29.10 8.58
C GLU A 22 2.00 -29.77 9.83
N LEU A 23 2.88 -30.36 10.63
CA LEU A 23 2.48 -31.05 11.85
C LEU A 23 2.17 -30.12 13.01
N LEU A 24 3.16 -29.32 13.40
CA LEU A 24 3.03 -28.39 14.52
C LEU A 24 2.14 -27.18 14.19
N GLY A 25 2.03 -26.86 12.91
CA GLY A 25 1.23 -25.70 12.53
C GLY A 25 2.11 -24.48 12.58
N GLY A 26 1.65 -23.40 11.97
CA GLY A 26 2.42 -22.17 11.95
C GLY A 26 2.88 -21.70 13.32
N LYS A 27 1.90 -21.55 14.22
CA LYS A 27 2.17 -21.10 15.58
C LYS A 27 3.03 -22.11 16.35
N GLY A 28 2.69 -23.38 16.22
CA GLY A 28 3.45 -24.43 16.89
C GLY A 28 4.89 -24.48 16.42
N ALA A 29 5.10 -24.37 15.11
CA ALA A 29 6.46 -24.42 14.55
C ALA A 29 7.26 -23.18 14.98
N ASN A 30 6.61 -22.02 15.00
CA ASN A 30 7.29 -20.79 15.43
C ASN A 30 7.67 -20.83 16.91
N LEU A 31 6.84 -21.48 17.72
CA LEU A 31 7.11 -21.62 19.15
C LEU A 31 8.38 -22.46 19.30
N ALA A 32 8.43 -23.56 18.57
CA ALA A 32 9.59 -24.46 18.59
C ALA A 32 10.83 -23.66 18.19
N GLU A 33 10.65 -22.82 17.17
CA GLU A 33 11.75 -22.00 16.67
C GLU A 33 12.19 -21.00 17.73
N MET A 34 11.21 -20.33 18.34
CA MET A 34 11.54 -19.35 19.35
C MET A 34 12.29 -20.00 20.51
N ALA A 35 11.78 -21.15 20.96
CA ALA A 35 12.38 -21.86 22.07
C ALA A 35 13.75 -22.42 21.71
N SER A 36 13.87 -22.84 20.46
CA SER A 36 15.10 -23.43 19.95
C SER A 36 16.29 -22.48 19.88
N ILE A 37 16.04 -21.18 19.81
CA ILE A 37 17.12 -20.20 19.72
C ILE A 37 17.48 -19.59 21.07
N GLY A 38 16.82 -20.03 22.13
CA GLY A 38 17.14 -19.52 23.45
C GLY A 38 16.24 -18.44 24.02
N LEU A 39 15.07 -18.24 23.42
CA LEU A 39 14.16 -17.21 23.92
C LEU A 39 13.45 -17.69 25.19
N SER A 40 13.24 -16.75 26.11
CA SER A 40 12.60 -17.04 27.39
C SER A 40 11.09 -17.18 27.28
N VAL A 41 10.66 -18.16 26.49
CA VAL A 41 9.23 -18.40 26.31
C VAL A 41 8.69 -19.34 27.37
N PRO A 42 7.52 -19.04 27.95
CA PRO A 42 6.96 -19.93 28.97
C PRO A 42 6.85 -21.33 28.36
N PRO A 43 7.11 -22.38 29.16
CA PRO A 43 7.04 -23.77 28.69
C PRO A 43 5.64 -24.25 28.31
N GLY A 44 5.58 -25.17 27.36
CA GLY A 44 4.32 -25.72 26.90
C GLY A 44 4.57 -26.89 25.97
N PHE A 45 3.57 -27.24 25.17
CA PHE A 45 3.74 -28.34 24.21
C PHE A 45 2.71 -28.21 23.11
N THR A 46 2.96 -28.88 21.98
CA THR A 46 2.05 -28.84 20.84
C THR A 46 1.58 -30.25 20.43
N VAL A 47 0.27 -30.39 20.21
CA VAL A 47 -0.30 -31.66 19.77
C VAL A 47 -0.50 -31.54 18.27
N SER A 48 0.28 -32.33 17.51
CA SER A 48 0.28 -32.34 16.06
C SER A 48 -1.08 -32.30 15.36
N THR A 49 -1.05 -31.84 14.11
CA THR A 49 -2.24 -31.75 13.27
C THR A 49 -2.65 -33.17 12.87
N GLU A 50 -1.69 -34.10 12.97
CA GLU A 50 -1.93 -35.50 12.62
C GLU A 50 -2.84 -36.09 13.72
N ALA A 51 -2.66 -35.61 14.94
CA ALA A 51 -3.48 -36.07 16.05
C ALA A 51 -4.94 -35.65 15.80
N CYS A 52 -5.12 -34.48 15.20
CA CYS A 52 -6.45 -33.96 14.89
C CYS A 52 -7.11 -34.82 13.81
N GLN A 53 -6.36 -35.17 12.78
CA GLN A 53 -6.86 -36.00 11.69
C GLN A 53 -7.28 -37.37 12.22
N GLN A 54 -6.42 -37.98 13.04
CA GLN A 54 -6.72 -39.28 13.64
C GLN A 54 -8.02 -39.17 14.44
N TYR A 55 -8.14 -38.04 15.12
CA TYR A 55 -9.30 -37.74 15.95
C TYR A 55 -10.57 -37.74 15.11
N GLN A 56 -10.58 -36.94 14.05
CA GLN A 56 -11.73 -36.82 13.16
C GLN A 56 -12.13 -38.15 12.53
N ASP A 57 -11.14 -38.93 12.11
CA ASP A 57 -11.40 -40.22 11.48
C ASP A 57 -11.98 -41.23 12.46
N ALA A 58 -11.47 -41.20 13.69
CA ALA A 58 -11.96 -42.13 14.71
C ALA A 58 -13.33 -41.69 15.24
N GLY A 59 -14.08 -40.99 14.39
CA GLY A 59 -15.40 -40.51 14.76
C GLY A 59 -15.34 -39.42 15.81
N CYS A 60 -14.45 -38.46 15.59
CA CYS A 60 -14.26 -37.34 16.52
C CYS A 60 -14.02 -37.86 17.95
N ALA A 61 -13.25 -38.94 18.04
CA ALA A 61 -12.91 -39.53 19.32
C ALA A 61 -11.40 -39.41 19.51
N LEU A 62 -10.96 -39.38 20.77
CA LEU A 62 -9.54 -39.26 21.04
C LEU A 62 -8.83 -40.58 20.71
N PRO A 63 -7.91 -40.55 19.72
CA PRO A 63 -7.17 -41.75 19.32
C PRO A 63 -6.32 -42.37 20.44
N ALA A 64 -6.11 -43.68 20.35
CA ALA A 64 -5.35 -44.43 21.35
C ALA A 64 -3.93 -43.89 21.62
N GLY A 65 -3.59 -43.78 22.89
CA GLY A 65 -2.28 -43.31 23.29
C GLY A 65 -2.07 -41.80 23.35
N LEU A 66 -2.84 -41.05 22.59
CA LEU A 66 -2.69 -39.60 22.59
C LEU A 66 -2.71 -39.00 24.00
N TRP A 67 -3.81 -39.23 24.72
CA TRP A 67 -3.93 -38.67 26.06
C TRP A 67 -2.71 -38.97 26.93
N ALA A 68 -2.17 -40.18 26.79
CA ALA A 68 -1.00 -40.57 27.56
C ALA A 68 0.14 -39.60 27.28
N GLU A 69 0.28 -39.19 26.01
CA GLU A 69 1.32 -38.24 25.60
C GLU A 69 1.08 -36.83 26.14
N ILE A 70 -0.18 -36.39 26.08
CA ILE A 70 -0.55 -35.07 26.56
C ILE A 70 -0.18 -34.93 28.04
N VAL A 71 -0.43 -36.00 28.80
CA VAL A 71 -0.11 -36.04 30.23
C VAL A 71 1.40 -36.02 30.39
N ASP A 72 2.09 -36.70 29.49
CA ASP A 72 3.54 -36.77 29.51
C ASP A 72 4.10 -35.36 29.32
N GLY A 73 3.50 -34.63 28.39
CA GLY A 73 3.92 -33.26 28.10
C GLY A 73 3.68 -32.26 29.20
N LEU A 74 2.52 -32.34 29.87
CA LEU A 74 2.24 -31.40 30.94
C LEU A 74 3.15 -31.64 32.14
N GLN A 75 3.45 -32.90 32.42
CA GLN A 75 4.32 -33.23 33.56
C GLN A 75 5.67 -32.59 33.30
N TRP A 76 6.11 -32.64 32.06
CA TRP A 76 7.38 -32.03 31.69
C TRP A 76 7.27 -30.53 31.94
N VAL A 77 6.15 -29.95 31.54
CA VAL A 77 5.93 -28.53 31.72
C VAL A 77 5.88 -28.21 33.21
N GLU A 78 5.25 -29.08 33.97
CA GLU A 78 5.12 -28.90 35.42
C GLU A 78 6.48 -28.99 36.09
N GLU A 79 7.31 -29.90 35.60
CA GLU A 79 8.66 -30.07 36.13
C GLU A 79 9.52 -28.90 35.72
N TYR A 80 9.31 -28.44 34.49
CA TYR A 80 10.07 -27.32 33.98
C TYR A 80 9.76 -26.08 34.80
N MET A 81 8.48 -25.84 35.06
CA MET A 81 8.06 -24.66 35.82
C MET A 81 8.16 -24.81 37.33
N GLY A 82 8.11 -26.04 37.81
CA GLY A 82 8.15 -26.25 39.25
C GLY A 82 6.78 -25.84 39.78
N ALA A 83 5.74 -26.22 39.05
CA ALA A 83 4.37 -25.90 39.43
C ALA A 83 3.51 -27.04 38.90
N THR A 84 2.46 -27.39 39.62
CA THR A 84 1.58 -28.48 39.22
C THR A 84 0.16 -28.05 38.91
N LEU A 85 -0.44 -28.73 37.95
CA LEU A 85 -1.80 -28.45 37.53
C LEU A 85 -2.81 -28.81 38.60
N GLY A 86 -3.52 -27.80 39.10
CA GLY A 86 -4.53 -28.04 40.11
C GLY A 86 -3.99 -28.09 41.53
N ASP A 87 -2.95 -27.30 41.78
CA ASP A 87 -2.32 -27.22 43.09
C ASP A 87 -2.33 -25.78 43.59
N PRO A 88 -3.15 -25.48 44.60
CA PRO A 88 -3.27 -24.14 45.18
C PRO A 88 -2.01 -23.47 45.74
N GLN A 89 -1.05 -24.27 46.20
CA GLN A 89 0.17 -23.71 46.77
C GLN A 89 1.20 -23.28 45.72
N ARG A 90 1.33 -24.09 44.65
CA ARG A 90 2.25 -23.82 43.54
C ARG A 90 1.42 -24.05 42.27
N PRO A 91 0.41 -23.19 42.03
CA PRO A 91 -0.50 -23.25 40.89
C PRO A 91 0.07 -23.13 39.47
N LEU A 92 -0.49 -23.89 38.54
CA LEU A 92 -0.10 -23.84 37.15
C LEU A 92 -1.34 -23.66 36.30
N LEU A 93 -1.46 -22.52 35.67
CA LEU A 93 -2.57 -22.20 34.75
C LEU A 93 -2.07 -22.33 33.31
N LEU A 94 -2.95 -22.76 32.44
CA LEU A 94 -2.59 -22.96 31.02
C LEU A 94 -3.43 -22.14 30.06
N SER A 95 -2.85 -21.95 28.90
CA SER A 95 -3.48 -21.25 27.79
C SER A 95 -3.60 -22.28 26.68
N VAL A 96 -4.73 -22.30 26.03
CA VAL A 96 -4.95 -23.26 24.93
C VAL A 96 -5.31 -22.51 23.66
N ARG A 97 -4.49 -22.73 22.66
CA ARG A 97 -4.66 -22.09 21.36
C ARG A 97 -4.67 -23.14 20.24
N SER A 98 -5.33 -22.78 19.15
CA SER A 98 -5.38 -23.66 17.98
C SER A 98 -4.34 -23.17 16.99
N GLY A 99 -4.43 -23.58 15.73
CA GLY A 99 -3.45 -23.12 14.75
C GLY A 99 -3.07 -24.20 13.77
N ALA A 100 -3.43 -23.99 12.50
CA ALA A 100 -3.12 -24.94 11.43
C ALA A 100 -1.85 -24.51 10.72
N ALA A 101 -1.59 -25.09 9.56
CA ALA A 101 -0.39 -24.73 8.79
C ALA A 101 -0.53 -23.33 8.21
N VAL A 102 -1.73 -22.98 7.79
CA VAL A 102 -2.01 -21.65 7.21
C VAL A 102 -3.10 -20.95 8.00
N SER A 103 -3.24 -19.65 7.81
CA SER A 103 -4.28 -18.89 8.49
C SER A 103 -5.57 -19.67 8.28
N MET A 104 -6.41 -19.70 9.30
CA MET A 104 -7.67 -20.44 9.21
C MET A 104 -8.68 -19.89 10.20
N PRO A 105 -9.78 -19.31 9.70
CA PRO A 105 -10.83 -18.75 10.56
C PRO A 105 -11.73 -19.86 11.11
N GLY A 106 -12.59 -19.52 12.06
CA GLY A 106 -13.50 -20.51 12.61
C GLY A 106 -12.85 -21.45 13.59
N MET A 107 -11.57 -21.26 13.87
CA MET A 107 -10.84 -22.10 14.82
C MET A 107 -11.19 -21.65 16.23
N MET A 108 -10.97 -22.52 17.21
CA MET A 108 -11.28 -22.17 18.59
C MET A 108 -10.53 -20.94 19.06
N ASP A 109 -11.26 -20.05 19.72
CA ASP A 109 -10.66 -18.83 20.23
C ASP A 109 -9.76 -19.20 21.41
N THR A 110 -8.75 -18.39 21.67
CA THR A 110 -7.82 -18.63 22.76
C THR A 110 -8.53 -18.75 24.10
N VAL A 111 -8.09 -19.69 24.92
CA VAL A 111 -8.64 -19.91 26.24
C VAL A 111 -7.53 -19.70 27.26
N LEU A 112 -7.65 -18.65 28.06
CA LEU A 112 -6.65 -18.35 29.08
C LEU A 112 -7.02 -18.82 30.49
N ASN A 113 -6.00 -19.04 31.30
CA ASN A 113 -6.14 -19.49 32.69
C ASN A 113 -6.80 -20.84 32.93
N LEU A 114 -6.74 -21.73 31.96
CA LEU A 114 -7.31 -23.05 32.15
C LEU A 114 -6.56 -23.67 33.33
N GLY A 115 -7.28 -24.36 34.20
CA GLY A 115 -6.66 -24.98 35.35
C GLY A 115 -7.18 -24.39 36.65
N LEU A 116 -8.12 -23.46 36.54
CA LEU A 116 -8.72 -22.81 37.71
C LEU A 116 -9.88 -23.61 38.30
N ASN A 117 -10.11 -23.38 39.59
CA ASN A 117 -11.20 -23.97 40.36
C ASN A 117 -11.26 -23.16 41.64
N ASP A 118 -12.09 -23.57 42.60
CA ASP A 118 -12.21 -22.82 43.84
C ASP A 118 -10.91 -22.70 44.61
N GLU A 119 -10.22 -23.82 44.81
CA GLU A 119 -8.98 -23.85 45.57
C GLU A 119 -7.83 -23.14 44.86
N VAL A 120 -7.62 -23.46 43.59
CA VAL A 120 -6.57 -22.83 42.80
C VAL A 120 -6.83 -21.33 42.75
N ALA A 121 -8.11 -20.94 42.72
CA ALA A 121 -8.48 -19.52 42.66
C ALA A 121 -8.03 -18.79 43.92
N ALA A 122 -8.10 -19.47 45.05
CA ALA A 122 -7.68 -18.88 46.32
C ALA A 122 -6.16 -18.87 46.37
N GLY A 123 -5.55 -19.95 45.88
CA GLY A 123 -4.11 -20.03 45.87
C GLY A 123 -3.52 -18.96 44.96
N LEU A 124 -4.31 -18.51 43.98
CA LEU A 124 -3.87 -17.48 43.05
C LEU A 124 -4.01 -16.09 43.68
N ALA A 125 -5.05 -15.91 44.49
CA ALA A 125 -5.27 -14.62 45.15
C ALA A 125 -4.13 -14.33 46.12
N ALA A 126 -3.35 -15.36 46.45
CA ALA A 126 -2.22 -15.26 47.36
C ALA A 126 -1.24 -14.13 47.03
N LYS A 127 -0.63 -14.19 45.85
CA LYS A 127 0.33 -13.15 45.44
C LYS A 127 -0.25 -12.14 44.44
N SER A 128 -1.21 -12.59 43.64
CA SER A 128 -1.83 -11.72 42.64
C SER A 128 -3.02 -10.91 43.20
N GLY A 129 -3.55 -11.35 44.34
CA GLY A 129 -4.67 -10.64 44.94
C GLY A 129 -6.04 -11.27 44.70
N GLU A 130 -6.97 -11.03 45.62
CA GLU A 130 -8.32 -11.57 45.52
C GLU A 130 -9.15 -11.01 44.35
N ARG A 131 -9.11 -9.70 44.18
CA ARG A 131 -9.86 -9.03 43.12
C ARG A 131 -9.58 -9.64 41.74
N PHE A 132 -8.30 -9.82 41.42
CA PHE A 132 -7.91 -10.40 40.15
C PHE A 132 -8.21 -11.89 40.03
N ALA A 133 -7.78 -12.66 41.03
CA ALA A 133 -8.00 -14.09 41.02
C ALA A 133 -9.46 -14.47 40.76
N TYR A 134 -10.39 -13.84 41.47
CA TYR A 134 -11.79 -14.16 41.29
C TYR A 134 -12.39 -13.55 40.03
N ASP A 135 -11.80 -12.47 39.56
CA ASP A 135 -12.29 -11.87 38.32
C ASP A 135 -11.87 -12.80 37.17
N SER A 136 -10.64 -13.29 37.25
CA SER A 136 -10.12 -14.21 36.24
C SER A 136 -10.97 -15.46 36.25
N PHE A 137 -11.37 -15.90 37.45
CA PHE A 137 -12.19 -17.09 37.61
C PHE A 137 -13.56 -16.86 36.96
N ARG A 138 -14.12 -15.67 37.15
CA ARG A 138 -15.42 -15.34 36.56
C ARG A 138 -15.29 -15.40 35.04
N ARG A 139 -14.26 -14.77 34.49
CA ARG A 139 -14.03 -14.74 33.04
C ARG A 139 -13.76 -16.13 32.48
N PHE A 140 -12.94 -16.90 33.18
CA PHE A 140 -12.63 -18.26 32.74
C PHE A 140 -13.88 -19.14 32.68
N LEU A 141 -14.72 -19.05 33.70
CA LEU A 141 -15.94 -19.85 33.73
C LEU A 141 -16.78 -19.54 32.49
N ASP A 142 -16.85 -18.25 32.16
CA ASP A 142 -17.60 -17.78 30.99
C ASP A 142 -16.92 -18.23 29.70
N MET A 143 -15.62 -17.93 29.57
CA MET A 143 -14.86 -18.30 28.38
C MET A 143 -14.88 -19.80 28.16
N PHE A 144 -14.40 -20.54 29.16
CA PHE A 144 -14.35 -21.99 29.08
C PHE A 144 -15.76 -22.52 28.86
N GLY A 145 -16.71 -21.94 29.56
CA GLY A 145 -18.09 -22.40 29.42
C GLY A 145 -18.66 -22.24 28.03
N ASN A 146 -18.37 -21.11 27.40
CA ASN A 146 -18.88 -20.83 26.06
C ASN A 146 -18.08 -21.47 24.93
N VAL A 147 -16.76 -21.39 25.00
CA VAL A 147 -15.91 -21.93 23.94
C VAL A 147 -15.69 -23.45 24.00
N VAL A 148 -15.63 -23.99 25.22
CA VAL A 148 -15.41 -25.43 25.36
C VAL A 148 -16.69 -26.20 25.64
N MET A 149 -17.57 -25.65 26.48
CA MET A 149 -18.82 -26.34 26.82
C MET A 149 -20.02 -25.86 26.00
N ASP A 150 -19.76 -24.96 25.05
CA ASP A 150 -20.80 -24.42 24.18
C ASP A 150 -21.99 -23.84 24.95
N ILE A 151 -21.70 -23.06 25.99
CA ILE A 151 -22.74 -22.42 26.78
C ILE A 151 -22.86 -20.98 26.30
N PRO A 152 -24.08 -20.53 25.95
CA PRO A 152 -24.30 -19.16 25.47
C PRO A 152 -23.75 -18.09 26.42
N ARG A 153 -23.05 -17.11 25.86
CA ARG A 153 -22.49 -16.02 26.64
C ARG A 153 -23.61 -15.27 27.36
N SER A 154 -24.72 -15.07 26.65
CA SER A 154 -25.87 -14.36 27.21
C SER A 154 -26.23 -14.89 28.59
N LEU A 155 -26.09 -16.21 28.77
CA LEU A 155 -26.40 -16.85 30.05
C LEU A 155 -25.57 -16.29 31.20
N PHE A 156 -24.30 -15.97 30.92
CA PHE A 156 -23.41 -15.42 31.94
C PHE A 156 -23.64 -13.93 32.13
N GLU A 157 -23.63 -13.16 31.03
CA GLU A 157 -23.85 -11.71 31.10
C GLU A 157 -25.19 -11.45 31.78
N GLU A 158 -26.10 -12.42 31.64
CA GLU A 158 -27.43 -12.34 32.24
C GLU A 158 -27.29 -12.28 33.76
N LYS A 159 -26.25 -12.91 34.28
CA LYS A 159 -26.00 -12.93 35.72
C LYS A 159 -25.24 -11.68 36.17
N LEU A 160 -24.23 -11.31 35.39
CA LEU A 160 -23.40 -10.14 35.71
C LEU A 160 -24.21 -8.85 35.70
N GLU A 161 -25.05 -8.68 34.69
CA GLU A 161 -25.87 -7.47 34.58
C GLU A 161 -26.71 -7.24 35.84
N HIS A 162 -27.41 -8.30 36.26
CA HIS A 162 -28.23 -8.21 37.46
C HIS A 162 -27.39 -7.70 38.64
N MET A 163 -26.15 -8.18 38.75
CA MET A 163 -25.27 -7.76 39.84
C MET A 163 -25.13 -6.24 39.90
N LYS A 164 -24.65 -5.65 38.81
CA LYS A 164 -24.46 -4.20 38.78
C LYS A 164 -25.79 -3.46 38.72
N GLU A 165 -26.82 -4.14 38.20
CA GLU A 165 -28.15 -3.54 38.09
C GLU A 165 -28.70 -3.38 39.50
N SER A 166 -28.24 -4.23 40.41
CA SER A 166 -28.67 -4.19 41.80
C SER A 166 -27.63 -3.46 42.64
N LYS A 167 -26.37 -3.67 42.33
CA LYS A 167 -25.30 -3.02 43.05
C LYS A 167 -25.29 -1.54 42.69
N GLY A 168 -25.42 -1.24 41.40
CA GLY A 168 -25.45 0.15 40.95
C GLY A 168 -24.31 0.58 40.03
N LEU A 169 -23.95 -0.24 39.05
CA LEU A 169 -22.86 0.10 38.12
C LEU A 169 -23.01 -0.53 36.74
N LYS A 170 -22.18 -0.10 35.79
CA LYS A 170 -22.22 -0.64 34.44
C LYS A 170 -20.81 -0.98 33.96
N ASN A 171 -19.82 -0.35 34.60
CA ASN A 171 -18.42 -0.60 34.28
C ASN A 171 -17.82 -1.57 35.31
N ASP A 172 -17.95 -2.86 35.01
CA ASP A 172 -17.48 -3.95 35.85
C ASP A 172 -16.29 -3.63 36.75
N THR A 173 -15.43 -2.71 36.31
CA THR A 173 -14.26 -2.31 37.09
C THR A 173 -14.69 -1.80 38.47
N ASP A 174 -16.00 -1.72 38.68
CA ASP A 174 -16.57 -1.24 39.93
C ASP A 174 -17.01 -2.35 40.90
N LEU A 175 -16.95 -3.60 40.46
CA LEU A 175 -17.33 -4.74 41.31
C LEU A 175 -16.24 -5.04 42.33
N THR A 176 -16.62 -5.60 43.48
CA THR A 176 -15.65 -5.92 44.54
C THR A 176 -15.25 -7.40 44.53
N ALA A 177 -14.26 -7.72 45.35
CA ALA A 177 -13.76 -9.08 45.49
C ALA A 177 -14.90 -10.01 45.91
N SER A 178 -15.68 -9.61 46.91
CA SER A 178 -16.79 -10.43 47.39
C SER A 178 -17.89 -10.55 46.32
N ASP A 179 -18.14 -9.45 45.61
CA ASP A 179 -19.15 -9.45 44.54
C ASP A 179 -18.75 -10.46 43.48
N LEU A 180 -17.46 -10.50 43.17
CA LEU A 180 -16.96 -11.43 42.17
C LEU A 180 -17.04 -12.87 42.69
N LYS A 181 -16.79 -13.05 43.98
CA LYS A 181 -16.86 -14.38 44.60
C LYS A 181 -18.29 -14.86 44.48
N GLU A 182 -19.22 -13.96 44.74
CA GLU A 182 -20.64 -14.28 44.66
C GLU A 182 -21.00 -14.59 43.20
N LEU A 183 -20.42 -13.81 42.28
CA LEU A 183 -20.67 -13.99 40.86
C LEU A 183 -20.13 -15.34 40.38
N VAL A 184 -19.02 -15.77 40.99
CA VAL A 184 -18.44 -17.07 40.66
C VAL A 184 -19.49 -18.13 40.96
N GLY A 185 -20.19 -17.97 42.08
CA GLY A 185 -21.21 -18.92 42.45
C GLY A 185 -22.36 -18.96 41.46
N GLN A 186 -22.81 -17.78 41.04
CA GLN A 186 -23.91 -17.70 40.08
C GLN A 186 -23.53 -18.31 38.72
N TYR A 187 -22.30 -18.06 38.28
CA TYR A 187 -21.81 -18.59 37.01
C TYR A 187 -21.78 -20.11 37.00
N LYS A 188 -21.36 -20.71 38.11
CA LYS A 188 -21.33 -22.17 38.20
C LYS A 188 -22.73 -22.78 38.10
N GLU A 189 -23.74 -22.01 38.48
CA GLU A 189 -25.11 -22.49 38.42
C GLU A 189 -25.54 -22.54 36.98
N VAL A 190 -24.93 -21.67 36.16
CA VAL A 190 -25.26 -21.63 34.74
C VAL A 190 -24.89 -22.99 34.13
N TYR A 191 -23.71 -23.51 34.48
CA TYR A 191 -23.30 -24.81 33.95
C TYR A 191 -24.37 -25.85 34.29
N LEU A 192 -24.77 -25.88 35.55
CA LEU A 192 -25.78 -26.83 35.99
C LEU A 192 -27.10 -26.65 35.25
N SER A 193 -27.52 -25.40 35.06
CA SER A 193 -28.79 -25.13 34.37
C SER A 193 -28.76 -25.44 32.87
N ALA A 194 -27.71 -25.00 32.19
CA ALA A 194 -27.60 -25.20 30.76
C ALA A 194 -27.11 -26.60 30.35
N LYS A 195 -26.07 -27.08 31.01
CA LYS A 195 -25.49 -28.39 30.67
C LYS A 195 -26.06 -29.61 31.38
N GLY A 196 -26.47 -29.44 32.63
CA GLY A 196 -27.03 -30.58 33.36
C GLY A 196 -25.98 -31.22 34.25
N GLU A 197 -24.81 -30.59 34.30
CA GLU A 197 -23.73 -31.08 35.15
C GLU A 197 -22.86 -29.89 35.52
N PRO A 198 -22.17 -29.98 36.67
CA PRO A 198 -21.30 -28.91 37.16
C PRO A 198 -20.03 -28.65 36.38
N PHE A 199 -19.50 -27.44 36.57
CA PHE A 199 -18.25 -27.01 35.96
C PHE A 199 -17.15 -28.00 36.37
N PRO A 200 -16.41 -28.54 35.39
CA PRO A 200 -15.33 -29.49 35.70
C PRO A 200 -14.22 -28.84 36.50
N SER A 201 -14.16 -29.15 37.80
CA SER A 201 -13.14 -28.59 38.67
C SER A 201 -11.77 -29.27 38.55
N ASP A 202 -11.73 -30.45 37.95
CA ASP A 202 -10.47 -31.16 37.75
C ASP A 202 -9.73 -30.62 36.53
N PRO A 203 -8.58 -29.95 36.76
CA PRO A 203 -7.75 -29.36 35.72
C PRO A 203 -7.52 -30.28 34.52
N LYS A 204 -7.29 -31.57 34.77
CA LYS A 204 -7.05 -32.50 33.66
C LYS A 204 -8.29 -32.71 32.80
N LYS A 205 -9.47 -32.57 33.38
CA LYS A 205 -10.71 -32.74 32.62
C LYS A 205 -10.86 -31.54 31.71
N GLN A 206 -10.53 -30.36 32.27
CA GLN A 206 -10.60 -29.11 31.51
C GLN A 206 -9.71 -29.25 30.29
N LEU A 207 -8.46 -29.65 30.51
CA LEU A 207 -7.49 -29.81 29.42
C LEU A 207 -8.02 -30.72 28.31
N GLU A 208 -8.48 -31.90 28.71
CA GLU A 208 -9.01 -32.86 27.75
C GLU A 208 -10.12 -32.22 26.90
N LEU A 209 -11.12 -31.64 27.55
CA LEU A 209 -12.24 -31.01 26.85
C LEU A 209 -11.74 -29.87 25.94
N ALA A 210 -10.76 -29.13 26.44
CA ALA A 210 -10.20 -28.03 25.67
C ALA A 210 -9.57 -28.59 24.40
N VAL A 211 -8.79 -29.65 24.54
CA VAL A 211 -8.13 -30.28 23.39
C VAL A 211 -9.15 -30.73 22.35
N LEU A 212 -10.19 -31.42 22.81
CA LEU A 212 -11.22 -31.92 21.91
C LEU A 212 -11.96 -30.77 21.25
N ALA A 213 -12.14 -29.69 22.00
CA ALA A 213 -12.84 -28.52 21.47
C ALA A 213 -12.04 -27.92 20.31
N VAL A 214 -10.72 -27.83 20.48
CA VAL A 214 -9.87 -27.30 19.43
C VAL A 214 -9.97 -28.21 18.21
N PHE A 215 -9.79 -29.51 18.39
CA PHE A 215 -9.89 -30.45 17.27
C PHE A 215 -11.22 -30.24 16.56
N ASN A 216 -12.31 -30.16 17.33
CA ASN A 216 -13.64 -29.96 16.78
C ASN A 216 -13.73 -28.64 16.01
N SER A 217 -12.97 -27.63 16.44
CA SER A 217 -12.99 -26.32 15.81
C SER A 217 -12.60 -26.34 14.33
N TRP A 218 -11.80 -27.33 13.95
CA TRP A 218 -11.35 -27.47 12.57
C TRP A 218 -12.52 -27.66 11.61
N GLU A 219 -13.56 -28.36 12.06
CA GLU A 219 -14.74 -28.62 11.25
C GLU A 219 -15.88 -27.61 11.46
N SER A 220 -15.54 -26.41 11.93
CA SER A 220 -16.56 -25.37 12.15
C SER A 220 -17.03 -24.80 10.82
N PRO A 221 -18.28 -24.36 10.75
CA PRO A 221 -18.85 -23.78 9.52
C PRO A 221 -17.91 -22.82 8.79
N ARG A 222 -17.48 -21.76 9.48
CA ARG A 222 -16.60 -20.77 8.89
C ARG A 222 -15.26 -21.35 8.41
N ALA A 223 -14.75 -22.36 9.12
CA ALA A 223 -13.49 -22.98 8.75
C ALA A 223 -13.68 -23.79 7.46
N LYS A 224 -14.84 -24.44 7.35
CA LYS A 224 -15.18 -25.23 6.17
C LYS A 224 -15.45 -24.33 4.98
N LYS A 225 -16.22 -23.27 5.21
CA LYS A 225 -16.53 -22.33 4.15
C LYS A 225 -15.24 -21.81 3.54
N TYR A 226 -14.36 -21.27 4.38
CA TYR A 226 -13.08 -20.73 3.95
C TYR A 226 -12.29 -21.71 3.08
N ARG A 227 -12.33 -22.99 3.44
CA ARG A 227 -11.60 -24.00 2.68
C ARG A 227 -12.32 -24.46 1.41
N SER A 228 -13.52 -23.93 1.21
CA SER A 228 -14.35 -24.26 0.04
C SER A 228 -14.76 -22.99 -0.69
N ILE A 229 -14.54 -21.86 -0.04
CA ILE A 229 -14.87 -20.55 -0.60
C ILE A 229 -13.55 -19.81 -0.75
N ASN A 230 -12.48 -20.59 -0.74
CA ASN A 230 -11.08 -20.14 -0.87
C ASN A 230 -10.28 -21.41 -1.12
N GLN A 231 -10.71 -22.18 -2.12
CA GLN A 231 -10.09 -23.43 -2.53
C GLN A 231 -8.82 -23.83 -1.78
N ILE A 232 -8.92 -24.89 -0.98
CA ILE A 232 -7.80 -25.42 -0.20
C ILE A 232 -8.03 -26.90 0.07
N THR A 233 -6.95 -27.63 0.32
CA THR A 233 -7.02 -29.06 0.61
C THR A 233 -5.68 -29.57 1.14
N GLY A 234 -5.65 -30.85 1.52
CA GLY A 234 -4.43 -31.43 2.05
C GLY A 234 -4.23 -31.15 3.53
N LEU A 235 -4.22 -29.86 3.90
CA LEU A 235 -4.02 -29.43 5.28
C LEU A 235 -4.02 -30.53 6.33
N ARG A 236 -5.14 -31.23 6.48
CA ARG A 236 -5.27 -32.34 7.42
C ARG A 236 -5.71 -32.04 8.87
N GLY A 237 -5.92 -30.78 9.21
CA GLY A 237 -6.35 -30.45 10.56
C GLY A 237 -5.60 -29.35 11.28
N THR A 238 -5.97 -29.11 12.53
CA THR A 238 -5.33 -28.07 13.34
C THR A 238 -4.54 -28.65 14.52
N ALA A 239 -3.59 -27.88 15.01
CA ALA A 239 -2.79 -28.32 16.14
C ALA A 239 -3.29 -27.61 17.40
N VAL A 240 -2.80 -28.02 18.57
CA VAL A 240 -3.20 -27.36 19.80
C VAL A 240 -1.95 -26.97 20.57
N ASN A 241 -1.84 -25.70 20.92
CA ASN A 241 -0.69 -25.22 21.65
C ASN A 241 -1.03 -24.89 23.08
N VAL A 242 -0.45 -25.66 23.99
CA VAL A 242 -0.69 -25.48 25.41
C VAL A 242 0.57 -24.88 25.99
N GLN A 243 0.41 -23.74 26.66
CA GLN A 243 1.54 -23.06 27.24
C GLN A 243 1.19 -22.57 28.63
N CYS A 244 2.19 -22.52 29.49
CA CYS A 244 2.03 -22.09 30.86
C CYS A 244 1.70 -20.60 30.94
N MET A 245 0.75 -20.23 31.80
CA MET A 245 0.37 -18.82 31.98
C MET A 245 1.40 -18.18 32.89
N VAL A 246 1.55 -16.87 32.76
CA VAL A 246 2.49 -16.09 33.58
C VAL A 246 1.83 -14.75 33.88
N PHE A 247 2.11 -14.19 35.06
CA PHE A 247 1.50 -12.92 35.47
C PHE A 247 2.48 -11.84 35.90
N GLY A 248 2.05 -10.59 35.80
CA GLY A 248 2.92 -9.50 36.19
C GLY A 248 2.34 -8.67 37.30
N ASN A 249 1.30 -9.21 37.95
CA ASN A 249 0.65 -8.51 39.06
C ASN A 249 0.90 -9.20 40.40
N MET A 250 2.00 -9.94 40.47
CA MET A 250 2.37 -10.65 41.69
C MET A 250 3.39 -9.90 42.54
N GLY A 251 3.12 -8.63 42.79
CA GLY A 251 4.04 -7.83 43.61
C GLY A 251 4.85 -6.85 42.79
N ASN A 252 5.70 -6.09 43.48
CA ASN A 252 6.54 -5.11 42.81
C ASN A 252 7.84 -5.70 42.27
N THR A 253 7.78 -6.97 41.89
CA THR A 253 8.92 -7.67 41.32
C THR A 253 8.44 -8.25 39.99
N SER A 254 7.21 -7.89 39.67
CA SER A 254 6.55 -8.35 38.45
C SER A 254 6.04 -7.17 37.62
N GLY A 255 5.63 -7.48 36.38
CA GLY A 255 5.11 -6.44 35.51
C GLY A 255 5.01 -6.94 34.08
N THR A 256 4.29 -6.16 33.26
CA THR A 256 4.12 -6.52 31.85
C THR A 256 4.54 -5.32 31.00
N GLY A 257 5.03 -5.63 29.75
CA GLY A 257 5.44 -4.48 28.92
C GLY A 257 5.42 -4.86 27.43
N VAL A 258 5.56 -3.86 26.61
CA VAL A 258 5.59 -4.00 25.15
C VAL A 258 6.61 -3.06 24.57
N LEU A 259 7.24 -3.47 23.47
CA LEU A 259 8.26 -2.62 22.83
C LEU A 259 8.63 -3.10 21.43
N PHE A 260 9.30 -2.19 20.75
CA PHE A 260 9.85 -2.40 19.42
C PHE A 260 11.34 -2.43 19.62
N THR A 261 12.02 -3.37 19.00
CA THR A 261 13.48 -3.49 19.19
C THR A 261 14.20 -2.24 18.63
N ARG A 262 13.46 -1.46 17.86
CA ARG A 262 13.98 -0.21 17.26
C ARG A 262 12.81 0.77 17.09
N ASN A 263 13.14 2.05 17.08
CA ASN A 263 12.12 3.10 16.94
C ASN A 263 11.32 2.91 15.63
N PRO A 264 10.01 2.61 15.79
CA PRO A 264 9.12 2.42 14.63
C PRO A 264 8.87 3.68 13.83
N ASN A 265 9.22 4.84 14.38
CA ASN A 265 8.97 6.10 13.68
C ASN A 265 10.19 6.67 12.98
N THR A 266 11.36 6.52 13.62
CA THR A 266 12.59 7.07 13.05
C THR A 266 13.60 6.00 12.66
N GLY A 267 13.49 4.80 13.23
CA GLY A 267 14.45 3.76 12.88
C GLY A 267 15.64 3.71 13.83
N GLU A 268 15.74 4.68 14.73
CA GLU A 268 16.85 4.70 15.68
C GLU A 268 16.99 3.35 16.37
N LYS A 269 18.22 2.83 16.40
CA LYS A 269 18.51 1.54 17.01
C LYS A 269 18.49 1.61 18.53
N LYS A 270 17.29 1.65 19.08
CA LYS A 270 17.11 1.75 20.52
C LYS A 270 15.75 1.14 20.90
N LEU A 271 15.70 0.37 21.98
CA LEU A 271 14.46 -0.26 22.44
C LEU A 271 13.43 0.84 22.68
N TYR A 272 12.25 0.64 22.12
CA TYR A 272 11.18 1.62 22.17
C TYR A 272 9.93 0.94 22.71
N GLY A 273 9.53 1.32 23.91
CA GLY A 273 8.36 0.71 24.52
C GLY A 273 8.01 1.28 25.88
N GLU A 274 7.24 0.50 26.65
CA GLU A 274 6.82 0.93 27.96
C GLU A 274 6.58 -0.25 28.89
N PHE A 275 6.73 -0.02 30.19
CA PHE A 275 6.56 -1.08 31.18
C PHE A 275 5.57 -0.67 32.26
N LEU A 276 4.84 -1.65 32.78
CA LEU A 276 3.85 -1.40 33.82
C LEU A 276 4.16 -2.29 35.03
N VAL A 277 4.57 -1.65 36.11
CA VAL A 277 4.93 -2.38 37.34
C VAL A 277 3.73 -2.99 38.08
N ASN A 278 3.89 -4.23 38.51
CA ASN A 278 2.85 -4.94 39.27
C ASN A 278 1.43 -4.71 38.75
N ALA A 279 1.14 -5.27 37.58
CA ALA A 279 -0.16 -5.14 36.95
C ALA A 279 -0.15 -5.78 35.57
N GLN A 280 -1.29 -5.84 34.91
CA GLN A 280 -1.38 -6.41 33.57
C GLN A 280 -1.99 -5.43 32.57
N GLY A 281 -1.84 -5.76 31.28
CA GLY A 281 -2.35 -4.89 30.23
C GLY A 281 -3.75 -4.32 30.43
N GLU A 282 -4.65 -5.14 30.99
CA GLU A 282 -6.03 -4.72 31.22
C GLU A 282 -6.13 -3.37 31.93
N ASP A 283 -5.46 -3.28 33.09
CA ASP A 283 -5.45 -2.06 33.91
C ASP A 283 -5.41 -0.74 33.15
N VAL A 284 -4.49 -0.63 32.19
CA VAL A 284 -4.37 0.58 31.38
C VAL A 284 -5.68 0.91 30.65
N VAL A 285 -6.26 -0.09 29.99
CA VAL A 285 -7.51 0.04 29.23
C VAL A 285 -8.68 0.62 30.04
N ALA A 286 -8.70 0.29 31.32
CA ALA A 286 -9.75 0.77 32.23
C ALA A 286 -9.45 2.14 32.82
N GLY A 287 -8.17 2.47 32.98
CA GLY A 287 -7.81 3.75 33.57
C GLY A 287 -7.31 3.41 34.96
N ILE A 288 -7.14 2.11 35.18
CA ILE A 288 -6.67 1.54 36.43
C ILE A 288 -5.19 1.78 36.67
N ARG A 289 -4.41 1.73 35.60
CA ARG A 289 -2.96 1.92 35.72
C ARG A 289 -2.40 2.67 34.52
N THR A 290 -1.29 3.37 34.75
CA THR A 290 -0.60 4.13 33.69
C THR A 290 0.86 3.67 33.58
N PRO A 291 1.24 3.11 32.42
CA PRO A 291 2.62 2.62 32.18
C PRO A 291 3.73 3.67 32.14
N GLU A 292 4.93 3.22 32.50
CA GLU A 292 6.13 4.05 32.52
C GLU A 292 6.94 3.74 31.28
N ASP A 293 8.20 4.14 31.27
CA ASP A 293 9.06 3.87 30.14
C ASP A 293 9.95 2.68 30.51
N LEU A 294 10.58 2.08 29.51
CA LEU A 294 11.43 0.91 29.74
C LEU A 294 12.44 1.03 30.85
N ASP A 295 12.96 2.22 31.11
CA ASP A 295 13.94 2.39 32.17
C ASP A 295 13.45 1.90 33.54
N ALA A 296 12.19 2.18 33.86
CA ALA A 296 11.63 1.74 35.14
C ALA A 296 11.91 0.25 35.32
N MET A 297 12.00 -0.47 34.19
CA MET A 297 12.26 -1.90 34.24
C MET A 297 13.72 -2.18 34.54
N LYS A 298 14.60 -1.45 33.87
CA LYS A 298 16.02 -1.62 34.07
C LYS A 298 16.35 -1.27 35.51
N ASN A 299 15.60 -0.30 36.06
CA ASN A 299 15.80 0.15 37.43
C ASN A 299 15.35 -0.88 38.45
N LEU A 300 14.04 -1.17 38.45
CA LEU A 300 13.46 -2.12 39.39
C LEU A 300 13.74 -3.60 39.14
N MET A 301 14.12 -3.98 37.92
CA MET A 301 14.37 -5.37 37.62
C MET A 301 15.52 -5.57 36.64
N PRO A 302 16.73 -5.14 37.02
CA PRO A 302 17.92 -5.26 36.16
C PRO A 302 18.20 -6.67 35.63
N GLN A 303 17.97 -7.68 36.47
CA GLN A 303 18.21 -9.05 36.07
C GLN A 303 17.29 -9.44 34.90
N ALA A 304 16.04 -9.02 34.95
CA ALA A 304 15.07 -9.33 33.90
C ALA A 304 15.33 -8.48 32.66
N TYR A 305 15.66 -7.21 32.87
CA TYR A 305 15.95 -6.31 31.77
C TYR A 305 17.12 -6.84 30.91
N ASP A 306 18.19 -7.27 31.57
CA ASP A 306 19.35 -7.79 30.85
C ASP A 306 18.94 -8.99 29.99
N GLU A 307 18.02 -9.79 30.50
CA GLU A 307 17.55 -10.97 29.79
C GLU A 307 16.72 -10.48 28.59
N LEU A 308 15.96 -9.39 28.81
CA LEU A 308 15.14 -8.81 27.75
C LEU A 308 16.03 -8.34 26.60
N VAL A 309 17.16 -7.72 26.91
CA VAL A 309 18.08 -7.25 25.88
C VAL A 309 18.67 -8.42 25.10
N GLU A 310 19.04 -9.49 25.79
CA GLU A 310 19.60 -10.65 25.12
C GLU A 310 18.55 -11.31 24.22
N ASN A 311 17.30 -11.31 24.69
CA ASN A 311 16.20 -11.87 23.92
C ASN A 311 15.96 -11.04 22.65
N CYS A 312 16.06 -9.71 22.78
CA CYS A 312 15.87 -8.83 21.65
C CYS A 312 16.99 -9.00 20.62
N ASN A 313 18.24 -9.07 21.07
CA ASN A 313 19.36 -9.26 20.16
C ASN A 313 19.25 -10.61 19.45
N ILE A 314 18.78 -11.62 20.18
CA ILE A 314 18.62 -12.96 19.62
C ILE A 314 17.52 -12.95 18.56
N LEU A 315 16.46 -12.20 18.84
CA LEU A 315 15.34 -12.08 17.90
C LEU A 315 15.83 -11.44 16.60
N GLU A 316 16.48 -10.29 16.69
CA GLU A 316 16.95 -9.62 15.50
C GLU A 316 18.02 -10.45 14.80
N SER A 317 18.90 -11.05 15.57
CA SER A 317 19.96 -11.86 15.01
C SER A 317 19.44 -13.06 14.22
N HIS A 318 18.40 -13.71 14.72
CA HIS A 318 17.85 -14.88 14.04
C HIS A 318 16.79 -14.58 12.97
N TYR A 319 15.86 -13.67 13.29
CA TYR A 319 14.80 -13.33 12.35
C TYR A 319 15.17 -12.21 11.37
N LYS A 320 16.34 -11.62 11.57
CA LYS A 320 16.81 -10.57 10.68
C LYS A 320 15.73 -9.51 10.45
N GLU A 321 15.16 -9.05 11.56
CA GLU A 321 14.08 -8.06 11.37
C GLU A 321 13.75 -7.42 12.73
N MET A 322 13.33 -6.15 12.68
CA MET A 322 12.94 -5.44 13.91
C MET A 322 11.68 -6.09 14.43
N GLN A 323 11.58 -6.20 15.73
CA GLN A 323 10.42 -6.89 16.32
C GLN A 323 9.60 -6.05 17.28
N ASP A 324 8.33 -6.34 17.25
CA ASP A 324 7.31 -5.75 18.12
C ASP A 324 6.95 -6.86 19.09
N ILE A 325 7.22 -6.66 20.37
CA ILE A 325 6.97 -7.75 21.33
C ILE A 325 6.18 -7.37 22.60
N GLU A 326 5.64 -8.41 23.18
CA GLU A 326 4.89 -8.35 24.42
C GLU A 326 5.60 -9.28 25.39
N PHE A 327 5.95 -8.76 26.54
CA PHE A 327 6.66 -9.58 27.54
C PHE A 327 6.10 -9.35 28.94
N THR A 328 6.42 -10.34 29.80
CA THR A 328 5.96 -10.28 31.18
C THR A 328 7.07 -10.70 32.13
N VAL A 329 7.23 -9.95 33.21
CA VAL A 329 8.22 -10.27 34.23
C VAL A 329 7.45 -10.80 35.45
N GLN A 330 7.60 -12.09 35.73
CA GLN A 330 6.92 -12.70 36.88
C GLN A 330 7.94 -12.94 37.99
N GLU A 331 7.92 -12.06 38.99
CA GLU A 331 8.81 -12.14 40.14
C GLU A 331 10.27 -12.24 39.71
N ASN A 332 10.76 -11.18 39.09
CA ASN A 332 12.13 -11.11 38.60
C ASN A 332 12.45 -11.99 37.40
N ARG A 333 11.52 -12.84 36.99
CA ARG A 333 11.77 -13.71 35.84
C ARG A 333 11.12 -13.15 34.56
N LEU A 334 11.93 -12.93 33.53
CA LEU A 334 11.41 -12.42 32.26
C LEU A 334 10.79 -13.50 31.39
N TRP A 335 9.65 -13.18 30.78
CA TRP A 335 8.98 -14.13 29.89
C TRP A 335 8.59 -13.46 28.56
N MET A 336 9.02 -14.06 27.46
CA MET A 336 8.73 -13.55 26.12
C MET A 336 7.41 -14.15 25.65
N LEU A 337 6.41 -13.31 25.42
CA LEU A 337 5.13 -13.79 24.99
C LEU A 337 5.00 -13.71 23.48
N GLN A 338 4.36 -12.66 22.97
CA GLN A 338 4.18 -12.52 21.54
C GLN A 338 5.24 -11.67 20.84
N CYS A 339 5.71 -12.17 19.70
CA CYS A 339 6.70 -11.46 18.89
C CYS A 339 6.24 -11.47 17.44
N ARG A 340 6.46 -10.36 16.74
CA ARG A 340 6.07 -10.26 15.33
C ARG A 340 6.88 -9.13 14.70
N THR A 341 7.04 -9.18 13.38
CA THR A 341 7.78 -8.15 12.67
C THR A 341 7.10 -6.82 12.98
N GLY A 342 7.88 -5.84 13.44
CA GLY A 342 7.29 -4.57 13.80
C GLY A 342 6.88 -3.63 12.67
N LYS A 343 5.67 -3.09 12.76
CA LYS A 343 5.21 -2.13 11.76
C LYS A 343 6.03 -0.87 11.98
N ARG A 344 6.17 -0.07 10.93
CA ARG A 344 6.94 1.15 11.04
C ARG A 344 6.70 2.10 9.88
N THR A 345 7.19 3.33 10.03
CA THR A 345 7.06 4.32 8.98
C THR A 345 8.11 4.00 7.92
N GLY A 346 7.98 4.66 6.77
CA GLY A 346 8.92 4.46 5.67
C GLY A 346 10.27 4.90 6.16
N LYS A 347 10.30 6.05 6.81
CA LYS A 347 11.54 6.59 7.35
C LYS A 347 12.26 5.52 8.19
N SER A 348 11.53 4.92 9.11
CA SER A 348 12.09 3.88 9.96
C SER A 348 12.51 2.63 9.16
N ALA A 349 11.70 2.25 8.18
CA ALA A 349 11.96 1.08 7.34
C ALA A 349 13.27 1.19 6.59
N VAL A 350 13.54 2.33 5.98
CA VAL A 350 14.77 2.51 5.24
C VAL A 350 16.01 2.52 6.16
N LYS A 351 15.92 3.22 7.28
CA LYS A 351 17.06 3.29 8.20
C LYS A 351 17.42 1.91 8.78
N ILE A 352 16.39 1.18 9.22
CA ILE A 352 16.60 -0.14 9.79
C ILE A 352 17.24 -1.09 8.79
N ALA A 353 16.79 -1.02 7.53
CA ALA A 353 17.30 -1.87 6.45
C ALA A 353 18.76 -1.56 6.20
N VAL A 354 19.09 -0.28 6.10
CA VAL A 354 20.49 0.11 5.88
C VAL A 354 21.36 -0.25 7.11
N ASP A 355 20.89 0.06 8.31
CA ASP A 355 21.66 -0.25 9.50
C ASP A 355 21.93 -1.75 9.64
N MET A 356 20.95 -2.57 9.31
CA MET A 356 21.15 -4.02 9.44
C MET A 356 22.19 -4.52 8.45
N VAL A 357 22.33 -3.83 7.31
CA VAL A 357 23.35 -4.23 6.34
C VAL A 357 24.70 -3.81 6.92
N ASN A 358 24.81 -2.58 7.42
CA ASN A 358 26.07 -2.11 7.98
C ASN A 358 26.52 -2.89 9.22
N GLU A 359 25.56 -3.38 9.98
CA GLU A 359 25.83 -4.17 11.18
C GLU A 359 26.22 -5.59 10.78
N GLY A 360 26.11 -5.89 9.48
CA GLY A 360 26.44 -7.22 9.01
C GLY A 360 25.41 -8.28 9.38
N LEU A 361 24.19 -7.84 9.63
CA LEU A 361 23.12 -8.77 9.99
C LEU A 361 22.44 -9.34 8.75
N VAL A 362 22.36 -8.54 7.69
CA VAL A 362 21.71 -9.02 6.46
C VAL A 362 22.44 -8.43 5.28
N GLU A 363 22.26 -9.03 4.11
CA GLU A 363 22.90 -8.50 2.91
C GLU A 363 21.84 -7.71 2.13
N PRO A 364 22.27 -6.82 1.21
CA PRO A 364 21.39 -5.98 0.39
C PRO A 364 20.16 -6.66 -0.19
N ARG A 365 20.36 -7.86 -0.74
CA ARG A 365 19.29 -8.63 -1.37
C ARG A 365 18.11 -8.85 -0.41
N SER A 366 18.42 -8.98 0.87
CA SER A 366 17.40 -9.18 1.89
C SER A 366 16.89 -7.81 2.38
N ALA A 367 17.78 -6.83 2.47
CA ALA A 367 17.38 -5.50 2.93
C ALA A 367 16.34 -4.91 2.00
N ILE A 368 16.45 -5.20 0.71
CA ILE A 368 15.51 -4.74 -0.32
C ILE A 368 14.05 -5.12 -0.01
N LYS A 369 13.87 -6.30 0.57
CA LYS A 369 12.54 -6.80 0.92
C LYS A 369 11.96 -6.22 2.22
N MET A 370 12.76 -5.44 2.94
CA MET A 370 12.37 -4.85 4.22
C MET A 370 11.62 -3.52 4.09
N VAL A 371 11.62 -2.96 2.89
CA VAL A 371 10.98 -1.70 2.61
C VAL A 371 9.88 -1.93 1.59
N GLU A 372 8.64 -1.78 2.04
CA GLU A 372 7.51 -1.98 1.14
C GLU A 372 7.30 -0.74 0.27
N PRO A 373 6.63 -0.91 -0.88
CA PRO A 373 6.36 0.22 -1.78
C PRO A 373 5.69 1.31 -0.93
N GLY A 374 4.73 0.89 -0.11
CA GLY A 374 4.03 1.82 0.77
C GLY A 374 4.97 2.61 1.66
N HIS A 375 6.09 1.99 2.10
CA HIS A 375 7.10 2.66 2.95
C HIS A 375 7.89 3.68 2.14
N LEU A 376 8.35 3.23 0.97
CA LEU A 376 9.13 4.11 0.11
C LEU A 376 8.33 5.34 -0.32
N ASP A 377 7.05 5.16 -0.64
CA ASP A 377 6.23 6.28 -1.08
C ASP A 377 6.12 7.42 -0.04
N GLN A 378 6.15 7.10 1.25
CA GLN A 378 6.08 8.12 2.30
C GLN A 378 7.25 9.08 2.20
N LEU A 379 8.40 8.58 1.75
CA LEU A 379 9.59 9.41 1.64
C LEU A 379 9.68 10.16 0.32
N LEU A 380 8.69 9.99 -0.55
CA LEU A 380 8.72 10.67 -1.85
C LEU A 380 7.88 11.96 -1.87
N HIS A 381 7.07 12.15 -0.83
CA HIS A 381 6.23 13.33 -0.74
C HIS A 381 6.54 14.13 0.52
N PRO A 382 6.10 15.40 0.57
CA PRO A 382 6.35 16.20 1.77
C PRO A 382 5.52 15.65 2.92
N GLN A 383 6.00 15.78 4.15
CA GLN A 383 5.25 15.27 5.31
C GLN A 383 5.32 16.25 6.49
N PHE A 384 4.32 16.20 7.37
CA PHE A 384 4.30 17.08 8.54
C PHE A 384 5.23 16.54 9.62
N GLU A 385 5.86 17.44 10.38
CA GLU A 385 6.76 17.04 11.46
C GLU A 385 5.99 16.20 12.48
N ASN A 386 5.36 16.89 13.43
CA ASN A 386 4.58 16.27 14.48
C ASN A 386 3.09 16.43 14.18
N PRO A 387 2.53 15.52 13.40
CA PRO A 387 1.11 15.59 13.04
C PRO A 387 0.13 15.42 14.19
N SER A 388 0.61 14.92 15.32
CA SER A 388 -0.26 14.72 16.47
C SER A 388 -0.64 16.04 17.10
N ALA A 389 0.32 16.98 17.09
CA ALA A 389 0.12 18.30 17.66
C ALA A 389 -0.93 19.16 16.97
N TYR A 390 -1.46 18.71 15.83
CA TYR A 390 -2.45 19.50 15.13
C TYR A 390 -3.86 18.94 15.23
N LYS A 391 -4.02 17.92 16.09
CA LYS A 391 -5.31 17.26 16.27
C LYS A 391 -6.45 18.24 16.58
N ASP A 392 -6.16 19.31 17.30
CA ASP A 392 -7.19 20.30 17.63
C ASP A 392 -7.46 21.30 16.51
N GLN A 393 -6.49 21.47 15.61
CA GLN A 393 -6.66 22.40 14.51
C GLN A 393 -7.37 21.78 13.32
N VAL A 394 -7.60 20.47 13.37
CA VAL A 394 -8.27 19.77 12.28
C VAL A 394 -9.72 20.21 12.27
N ILE A 395 -10.17 20.78 11.15
CA ILE A 395 -11.54 21.26 11.06
C ILE A 395 -12.42 20.48 10.09
N ALA A 396 -11.81 19.50 9.44
CA ALA A 396 -12.55 18.67 8.48
C ALA A 396 -11.70 17.49 8.01
N THR A 397 -12.37 16.50 7.46
CA THR A 397 -11.71 15.32 6.95
C THR A 397 -12.40 14.95 5.66
N GLY A 398 -11.63 14.89 4.58
CA GLY A 398 -12.19 14.51 3.29
C GLY A 398 -11.48 13.26 2.85
N LEU A 399 -11.63 12.88 1.58
CA LEU A 399 -10.96 11.70 1.06
C LEU A 399 -9.46 11.95 0.82
N PRO A 400 -8.61 10.97 1.17
CA PRO A 400 -7.16 11.11 0.99
C PRO A 400 -6.82 10.82 -0.47
N ALA A 401 -7.34 11.64 -1.36
CA ALA A 401 -7.16 11.43 -2.80
C ALA A 401 -5.72 11.33 -3.31
N SER A 402 -4.76 11.96 -2.61
CA SER A 402 -3.38 11.97 -3.06
C SER A 402 -2.48 12.33 -1.89
N PRO A 403 -1.61 11.39 -1.46
CA PRO A 403 -0.67 11.55 -0.34
C PRO A 403 0.31 12.71 -0.37
N GLY A 404 0.72 13.14 0.82
CA GLY A 404 1.66 14.24 0.96
C GLY A 404 1.09 15.40 1.79
N ALA A 405 1.97 16.15 2.44
CA ALA A 405 1.54 17.28 3.26
C ALA A 405 1.75 18.58 2.46
N ALA A 406 0.83 19.53 2.64
CA ALA A 406 0.92 20.83 1.96
C ALA A 406 0.52 21.96 2.88
N VAL A 407 1.24 23.07 2.75
CA VAL A 407 0.99 24.27 3.54
C VAL A 407 1.03 25.53 2.67
N GLY A 408 -0.07 26.26 2.62
CA GLY A 408 -0.11 27.47 1.82
C GLY A 408 -1.33 28.34 2.06
N GLN A 409 -1.41 29.44 1.31
CA GLN A 409 -2.51 30.39 1.41
C GLN A 409 -3.67 29.99 0.50
N VAL A 410 -4.87 30.06 1.05
CA VAL A 410 -6.08 29.69 0.32
C VAL A 410 -6.40 30.64 -0.82
N VAL A 411 -6.75 30.05 -1.96
CA VAL A 411 -7.13 30.78 -3.16
C VAL A 411 -8.30 30.00 -3.74
N PHE A 412 -9.08 30.64 -4.61
CA PHE A 412 -10.26 30.00 -5.16
C PHE A 412 -10.32 29.90 -6.66
N THR A 413 -9.23 30.24 -7.33
CA THR A 413 -9.21 30.13 -8.78
C THR A 413 -7.87 29.59 -9.22
N ALA A 414 -7.87 28.87 -10.34
CA ALA A 414 -6.63 28.35 -10.88
C ALA A 414 -5.75 29.54 -11.20
N GLU A 415 -6.35 30.63 -11.67
CA GLU A 415 -5.58 31.83 -11.99
C GLU A 415 -4.79 32.35 -10.78
N ASP A 416 -5.42 32.39 -9.61
CA ASP A 416 -4.74 32.87 -8.41
C ASP A 416 -3.63 31.92 -7.95
N ALA A 417 -3.83 30.61 -8.12
CA ALA A 417 -2.80 29.65 -7.70
C ALA A 417 -1.62 29.87 -8.62
N GLU A 418 -1.91 30.20 -9.88
CA GLU A 418 -0.84 30.45 -10.85
C GLU A 418 -0.09 31.71 -10.49
N ALA A 419 -0.84 32.73 -10.07
CA ALA A 419 -0.26 34.00 -9.66
C ALA A 419 0.66 33.76 -8.47
N TRP A 420 0.17 33.00 -7.50
CA TRP A 420 0.99 32.69 -6.31
C TRP A 420 2.27 31.96 -6.70
N HIS A 421 2.16 30.95 -7.56
CA HIS A 421 3.31 30.20 -8.03
C HIS A 421 4.31 31.13 -8.75
N SER A 422 3.80 32.02 -9.59
CA SER A 422 4.71 32.91 -10.32
C SER A 422 5.52 33.81 -9.38
N GLN A 423 5.06 33.98 -8.15
CA GLN A 423 5.78 34.81 -7.18
C GLN A 423 6.55 33.93 -6.21
N GLY A 424 6.66 32.64 -6.54
CA GLY A 424 7.39 31.72 -5.68
C GLY A 424 6.75 31.52 -4.32
N LYS A 425 5.41 31.56 -4.27
CA LYS A 425 4.67 31.39 -3.02
C LYS A 425 3.74 30.18 -3.04
N ALA A 426 3.44 29.69 -1.84
CA ALA A 426 2.62 28.51 -1.64
C ALA A 426 1.13 28.79 -1.53
N ALA A 427 0.34 28.20 -2.41
CA ALA A 427 -1.11 28.39 -2.37
C ALA A 427 -1.86 27.07 -2.30
N ILE A 428 -2.95 27.06 -1.56
CA ILE A 428 -3.81 25.87 -1.48
C ILE A 428 -5.03 26.23 -2.33
N LEU A 429 -5.22 25.56 -3.45
CA LEU A 429 -6.36 25.82 -4.33
C LEU A 429 -7.59 25.14 -3.78
N VAL A 430 -8.62 25.92 -3.47
CA VAL A 430 -9.86 25.39 -2.92
C VAL A 430 -10.98 25.68 -3.90
N ARG A 431 -11.57 24.63 -4.44
CA ARG A 431 -12.66 24.75 -5.40
C ARG A 431 -13.71 23.68 -5.17
N ALA A 432 -14.92 23.91 -5.68
CA ALA A 432 -16.01 22.93 -5.52
C ALA A 432 -15.54 21.59 -6.09
N GLU A 433 -15.03 21.65 -7.32
CA GLU A 433 -14.49 20.49 -8.03
C GLU A 433 -13.64 21.08 -9.14
N THR A 434 -12.84 20.25 -9.80
CA THR A 434 -11.97 20.76 -10.85
C THR A 434 -12.33 20.20 -12.22
N SER A 435 -11.93 20.95 -13.26
CA SER A 435 -12.16 20.57 -14.64
C SER A 435 -10.82 20.78 -15.36
N PRO A 436 -10.70 20.27 -16.59
CA PRO A 436 -9.42 20.45 -17.30
C PRO A 436 -8.96 21.90 -17.45
N GLU A 437 -9.81 22.86 -17.08
CA GLU A 437 -9.47 24.27 -17.21
C GLU A 437 -8.63 24.78 -16.04
N ASP A 438 -8.68 24.07 -14.92
CA ASP A 438 -7.93 24.44 -13.73
C ASP A 438 -6.56 23.78 -13.66
N VAL A 439 -6.27 22.88 -14.59
CA VAL A 439 -5.00 22.15 -14.59
C VAL A 439 -3.78 23.01 -14.32
N GLY A 440 -3.70 24.16 -14.97
CA GLY A 440 -2.57 25.04 -14.77
C GLY A 440 -2.44 25.47 -13.33
N GLY A 441 -3.56 25.84 -12.73
CA GLY A 441 -3.55 26.31 -11.36
C GLY A 441 -3.38 25.18 -10.37
N MET A 442 -3.92 24.02 -10.72
CA MET A 442 -3.82 22.86 -9.88
C MET A 442 -2.36 22.47 -9.77
N HIS A 443 -1.67 22.61 -10.90
CA HIS A 443 -0.26 22.30 -10.99
C HIS A 443 0.56 23.33 -10.21
N ALA A 444 0.13 24.59 -10.24
CA ALA A 444 0.82 25.68 -9.54
C ALA A 444 0.64 25.65 -8.04
N ALA A 445 -0.48 25.11 -7.57
CA ALA A 445 -0.70 25.06 -6.13
C ALA A 445 0.16 23.99 -5.47
N VAL A 446 0.38 24.10 -4.15
CA VAL A 446 1.13 23.08 -3.44
C VAL A 446 0.16 22.03 -2.91
N GLY A 447 -1.14 22.35 -2.98
CA GLY A 447 -2.17 21.44 -2.51
C GLY A 447 -3.55 21.80 -3.03
N ILE A 448 -4.39 20.79 -3.23
CA ILE A 448 -5.74 21.01 -3.76
C ILE A 448 -6.83 20.44 -2.82
N LEU A 449 -7.92 21.20 -2.67
CA LEU A 449 -9.04 20.80 -1.81
C LEU A 449 -10.34 21.02 -2.55
N THR A 450 -11.12 19.95 -2.71
CA THR A 450 -12.40 20.04 -3.40
C THR A 450 -13.56 19.64 -2.50
N GLU A 451 -14.76 20.00 -2.92
CA GLU A 451 -15.98 19.69 -2.17
C GLU A 451 -16.60 18.38 -2.65
N ARG A 452 -16.84 18.27 -3.95
CA ARG A 452 -17.43 17.07 -4.54
C ARG A 452 -16.38 16.17 -5.18
N GLY A 453 -16.77 14.93 -5.49
CA GLY A 453 -15.86 14.00 -6.13
C GLY A 453 -15.15 13.05 -5.18
N GLY A 454 -14.97 11.81 -5.60
CA GLY A 454 -14.28 10.85 -4.75
C GLY A 454 -12.86 10.55 -5.22
N MET A 455 -12.36 9.38 -4.86
CA MET A 455 -11.03 8.92 -5.22
C MET A 455 -10.77 8.89 -6.72
N THR A 456 -11.83 9.05 -7.51
CA THR A 456 -11.69 9.02 -8.97
C THR A 456 -12.10 10.34 -9.64
N SER A 457 -12.37 11.35 -8.82
CA SER A 457 -12.74 12.64 -9.36
C SER A 457 -11.56 13.21 -10.15
N HIS A 458 -11.80 14.30 -10.86
CA HIS A 458 -10.80 14.97 -11.68
C HIS A 458 -9.58 15.44 -10.88
N ALA A 459 -9.84 16.04 -9.73
CA ALA A 459 -8.78 16.55 -8.86
C ALA A 459 -7.91 15.42 -8.32
N ALA A 460 -8.55 14.37 -7.83
CA ALA A 460 -7.82 13.22 -7.29
C ALA A 460 -6.87 12.58 -8.32
N VAL A 461 -7.41 12.24 -9.48
CA VAL A 461 -6.65 11.63 -10.55
C VAL A 461 -5.46 12.48 -10.99
N VAL A 462 -5.72 13.71 -11.40
CA VAL A 462 -4.66 14.61 -11.83
C VAL A 462 -3.61 14.82 -10.73
N ALA A 463 -4.07 15.02 -9.49
CA ALA A 463 -3.16 15.25 -8.37
C ALA A 463 -2.25 14.06 -8.11
N ARG A 464 -2.79 12.85 -8.23
CA ARG A 464 -1.99 11.66 -8.03
C ARG A 464 -0.92 11.56 -9.12
N GLY A 465 -1.30 11.94 -10.35
CA GLY A 465 -0.36 11.89 -11.44
C GLY A 465 0.87 12.77 -11.23
N TRP A 466 0.75 13.80 -10.38
CA TRP A 466 1.87 14.73 -10.11
C TRP A 466 2.45 14.52 -8.73
N GLY A 467 1.93 13.53 -8.01
CA GLY A 467 2.40 13.31 -6.66
C GLY A 467 2.07 14.54 -5.81
N LYS A 468 0.98 15.22 -6.13
CA LYS A 468 0.57 16.42 -5.41
C LYS A 468 -0.52 16.18 -4.36
N CYS A 469 -0.34 16.71 -3.21
CA CYS A 469 -1.29 16.60 -2.10
C CYS A 469 -2.71 17.04 -2.53
N CYS A 470 -3.69 16.20 -2.25
CA CYS A 470 -5.08 16.53 -2.59
C CYS A 470 -6.07 15.82 -1.64
N VAL A 471 -6.96 16.61 -1.09
CA VAL A 471 -8.02 16.10 -0.24
C VAL A 471 -9.29 16.27 -1.05
N SER A 472 -9.93 15.18 -1.35
CA SER A 472 -11.13 15.20 -2.20
C SER A 472 -12.43 14.98 -1.40
N GLY A 473 -13.51 15.17 -2.13
CA GLY A 473 -14.88 15.01 -1.62
C GLY A 473 -15.03 15.42 -0.14
N CYS A 474 -14.69 16.65 0.17
CA CYS A 474 -14.84 17.15 1.53
C CYS A 474 -16.19 17.85 1.66
N SER A 475 -17.22 17.04 1.92
CA SER A 475 -18.59 17.51 2.00
C SER A 475 -18.82 18.70 2.94
N GLY A 476 -18.09 18.76 4.05
CA GLY A 476 -18.27 19.84 4.99
C GLY A 476 -17.68 21.20 4.59
N ILE A 477 -17.74 21.54 3.30
CA ILE A 477 -17.20 22.82 2.85
C ILE A 477 -18.09 23.45 1.80
N ARG A 478 -18.13 24.78 1.81
CA ARG A 478 -18.92 25.56 0.86
C ARG A 478 -18.07 26.75 0.43
N VAL A 479 -17.73 26.77 -0.85
CA VAL A 479 -16.90 27.84 -1.40
C VAL A 479 -17.76 28.98 -1.94
N ASN A 480 -17.54 30.16 -1.40
CA ASN A 480 -18.28 31.34 -1.84
C ASN A 480 -17.42 32.09 -2.85
N ASP A 481 -17.48 31.65 -4.10
CA ASP A 481 -16.72 32.27 -5.17
C ASP A 481 -16.82 33.79 -5.10
N ALA A 482 -18.05 34.29 -4.99
CA ALA A 482 -18.30 35.72 -4.96
C ALA A 482 -17.68 36.48 -3.78
N GLU A 483 -17.66 35.88 -2.60
CA GLU A 483 -17.08 36.55 -1.44
C GLU A 483 -15.66 36.17 -1.09
N LYS A 484 -15.02 35.38 -1.95
CA LYS A 484 -13.64 34.95 -1.73
C LYS A 484 -13.43 34.37 -0.35
N LEU A 485 -14.18 33.33 -0.05
CA LEU A 485 -14.07 32.67 1.24
C LEU A 485 -14.64 31.27 1.14
N VAL A 486 -14.32 30.44 2.12
CA VAL A 486 -14.82 29.09 2.15
C VAL A 486 -15.16 28.72 3.59
N THR A 487 -16.34 28.12 3.78
CA THR A 487 -16.74 27.69 5.11
C THR A 487 -16.40 26.22 5.25
N ILE A 488 -15.50 25.91 6.18
CA ILE A 488 -15.07 24.54 6.40
C ILE A 488 -15.39 24.10 7.81
N GLY A 489 -16.40 23.25 7.94
CA GLY A 489 -16.82 22.78 9.26
C GLY A 489 -17.31 23.94 10.09
N GLY A 490 -18.09 24.83 9.46
CA GLY A 490 -18.60 26.01 10.15
C GLY A 490 -17.58 27.15 10.26
N HIS A 491 -16.33 26.86 9.92
CA HIS A 491 -15.25 27.85 10.00
C HIS A 491 -15.11 28.64 8.71
N VAL A 492 -14.76 29.91 8.85
CA VAL A 492 -14.61 30.76 7.69
C VAL A 492 -13.16 31.06 7.36
N LEU A 493 -12.74 30.66 6.16
CA LEU A 493 -11.38 30.92 5.70
C LEU A 493 -11.47 31.84 4.48
N ARG A 494 -10.79 32.97 4.56
CA ARG A 494 -10.81 33.95 3.48
C ARG A 494 -9.55 33.84 2.66
N GLU A 495 -9.62 34.35 1.43
CA GLU A 495 -8.49 34.33 0.52
C GLU A 495 -7.25 34.87 1.22
N GLY A 496 -6.14 34.13 1.13
CA GLY A 496 -4.88 34.58 1.72
C GLY A 496 -4.53 33.98 3.07
N GLU A 497 -5.50 33.37 3.72
CA GLU A 497 -5.24 32.77 5.02
C GLU A 497 -4.58 31.42 4.86
N TRP A 498 -3.80 31.02 5.86
CA TRP A 498 -3.10 29.74 5.80
C TRP A 498 -3.99 28.54 6.09
N LEU A 499 -3.75 27.45 5.37
CA LEU A 499 -4.48 26.21 5.54
C LEU A 499 -3.50 25.07 5.29
N SER A 500 -3.66 23.97 6.01
CA SER A 500 -2.80 22.82 5.87
C SER A 500 -3.60 21.64 5.38
N LEU A 501 -2.96 20.78 4.61
CA LEU A 501 -3.65 19.61 4.09
C LEU A 501 -2.77 18.37 4.20
N ASN A 502 -3.39 17.25 4.57
CA ASN A 502 -2.68 15.98 4.65
C ASN A 502 -3.41 15.09 3.66
N GLY A 503 -2.80 14.90 2.49
CA GLY A 503 -3.43 14.09 1.47
C GLY A 503 -3.45 12.61 1.80
N SER A 504 -2.65 12.20 2.77
CA SER A 504 -2.60 10.80 3.17
C SER A 504 -3.78 10.40 4.07
N THR A 505 -4.30 11.36 4.84
CA THR A 505 -5.43 11.10 5.74
C THR A 505 -6.72 11.79 5.31
N GLY A 506 -6.58 12.87 4.55
CA GLY A 506 -7.75 13.60 4.10
C GLY A 506 -8.07 14.72 5.07
N GLU A 507 -7.17 14.95 6.02
CA GLU A 507 -7.35 15.99 7.01
C GLU A 507 -7.17 17.44 6.51
N VAL A 508 -8.06 18.32 6.97
CA VAL A 508 -7.98 19.74 6.63
C VAL A 508 -7.66 20.43 7.96
N ILE A 509 -6.41 20.86 8.08
CA ILE A 509 -5.91 21.51 9.28
C ILE A 509 -5.83 23.03 9.19
N LEU A 510 -6.41 23.72 10.16
CA LEU A 510 -6.38 25.18 10.17
C LEU A 510 -4.98 25.63 10.54
N GLY A 511 -4.53 26.72 9.91
CA GLY A 511 -3.20 27.26 10.19
C GLY A 511 -2.08 26.63 9.38
N LYS A 512 -0.84 27.05 9.65
CA LYS A 512 0.30 26.48 8.95
C LYS A 512 1.15 25.57 9.83
N GLN A 513 0.94 24.26 9.69
CA GLN A 513 1.69 23.29 10.48
C GLN A 513 3.11 23.09 9.96
N PRO A 514 4.07 22.79 10.85
CA PRO A 514 5.46 22.59 10.41
C PRO A 514 5.65 21.45 9.42
N LEU A 515 6.43 21.66 8.38
N LEU A 515 6.47 21.68 8.40
CA LEU A 515 6.65 20.59 7.43
CA LEU A 515 6.73 20.68 7.36
C LEU A 515 8.03 20.02 7.67
C LEU A 515 8.10 20.03 7.29
N SER A 516 8.09 18.73 7.93
N SER A 516 8.14 18.93 6.55
CA SER A 516 9.35 18.05 8.21
CA SER A 516 9.36 18.15 6.34
C SER A 516 10.53 18.43 7.32
C SER A 516 9.32 17.69 4.89
N PRO A 517 11.63 18.87 7.94
N PRO A 517 9.82 18.51 3.95
CA PRO A 517 12.81 19.28 7.17
CA PRO A 517 9.85 18.19 2.52
C PRO A 517 13.35 18.14 6.32
C PRO A 517 10.62 16.96 2.08
N PRO A 518 13.98 18.48 5.19
N PRO A 518 10.38 16.48 0.84
CA PRO A 518 14.54 17.45 4.30
CA PRO A 518 11.09 15.29 0.33
C PRO A 518 15.53 16.51 4.97
C PRO A 518 12.59 15.50 0.26
N ALA A 519 15.66 15.31 4.42
N ALA A 519 13.34 14.56 0.84
CA ALA A 519 16.57 14.30 4.97
CA ALA A 519 14.79 14.66 0.85
C ALA A 519 18.04 14.58 4.65
C ALA A 519 15.51 13.35 0.59
N LEU A 520 18.94 14.18 5.56
N LEU A 520 16.57 13.41 -0.20
CA LEU A 520 20.38 14.38 5.39
CA LEU A 520 17.36 12.22 -0.51
C LEU A 520 21.14 13.08 5.60
C LEU A 520 18.38 12.02 0.60
N SER A 521 20.43 12.09 6.13
N SER A 521 17.98 11.32 1.65
CA SER A 521 21.03 10.78 6.44
CA SER A 521 18.88 11.09 2.78
C SER A 521 21.92 10.17 5.37
C SER A 521 20.02 10.21 2.36
N GLY A 522 21.35 9.96 4.19
N GLY A 522 21.04 10.13 3.22
CA GLY A 522 22.09 9.38 3.08
CA GLY A 522 22.18 9.28 2.95
C GLY A 522 21.70 7.93 2.89
C GLY A 522 21.74 7.83 2.88
N ASP A 523 20.86 7.44 3.80
CA ASP A 523 20.36 6.07 3.81
C ASP A 523 19.47 5.75 2.59
N LEU A 524 18.62 6.68 2.18
CA LEU A 524 17.74 6.41 1.04
C LEU A 524 18.60 6.27 -0.21
N GLY A 525 19.66 7.08 -0.28
CA GLY A 525 20.56 7.02 -1.41
C GLY A 525 21.25 5.65 -1.43
N THR A 526 21.65 5.19 -0.25
CA THR A 526 22.33 3.90 -0.13
C THR A 526 21.39 2.78 -0.48
N PHE A 527 20.21 2.81 0.12
CA PHE A 527 19.19 1.79 -0.12
C PHE A 527 18.83 1.68 -1.61
N MET A 528 18.55 2.82 -2.24
CA MET A 528 18.20 2.85 -3.65
C MET A 528 19.35 2.36 -4.53
N ALA A 529 20.59 2.54 -4.09
CA ALA A 529 21.70 2.04 -4.91
C ALA A 529 21.64 0.51 -4.97
N TRP A 530 21.29 -0.14 -3.87
CA TRP A 530 21.19 -1.60 -3.90
C TRP A 530 20.01 -2.02 -4.80
N VAL A 531 18.95 -1.23 -4.75
CA VAL A 531 17.75 -1.48 -5.55
C VAL A 531 18.12 -1.40 -7.02
N ASP A 532 18.82 -0.34 -7.39
CA ASP A 532 19.22 -0.17 -8.77
C ASP A 532 20.21 -1.23 -9.26
N ASP A 533 20.98 -1.82 -8.33
CA ASP A 533 21.95 -2.84 -8.71
C ASP A 533 21.25 -4.15 -9.07
N VAL A 534 20.24 -4.46 -8.34
CA VAL A 534 19.55 -5.75 -8.48
C VAL A 534 18.61 -5.77 -9.69
N ARG A 535 17.85 -4.70 -9.90
CA ARG A 535 16.86 -4.67 -11.00
C ARG A 535 17.54 -4.72 -12.38
N LYS A 536 16.83 -5.39 -13.28
CA LYS A 536 17.28 -5.54 -14.68
C LYS A 536 16.49 -4.59 -15.58
N LEU A 537 15.21 -4.41 -15.24
CA LEU A 537 14.32 -3.47 -15.98
C LEU A 537 14.80 -2.05 -15.83
N LYS A 538 14.72 -1.29 -16.88
CA LYS A 538 15.08 0.12 -16.81
C LYS A 538 13.78 0.84 -16.45
N VAL A 539 13.88 1.95 -15.77
CA VAL A 539 12.68 2.72 -15.40
C VAL A 539 12.78 4.13 -15.96
N LEU A 540 11.83 4.41 -16.81
CA LEU A 540 11.76 5.69 -17.52
C LEU A 540 10.58 6.51 -16.98
N ALA A 541 10.48 7.74 -17.38
CA ALA A 541 9.39 8.58 -16.89
C ALA A 541 8.55 9.14 -18.05
N ASN A 542 7.31 9.39 -17.74
CA ASN A 542 6.41 10.02 -18.70
C ASN A 542 6.40 11.49 -18.30
N ALA A 543 6.84 12.34 -19.20
CA ALA A 543 6.90 13.80 -18.93
C ALA A 543 6.75 14.57 -20.23
N ASP A 544 6.09 15.72 -20.15
CA ASP A 544 5.84 16.55 -21.34
C ASP A 544 6.44 17.94 -21.21
N THR A 545 7.03 18.30 -20.10
CA THR A 545 7.64 19.62 -19.95
C THR A 545 9.04 19.50 -19.38
N PRO A 546 9.90 20.50 -19.64
CA PRO A 546 11.28 20.47 -19.13
C PRO A 546 11.36 20.26 -17.62
N ASP A 547 10.42 20.87 -16.90
CA ASP A 547 10.39 20.76 -15.44
C ASP A 547 10.05 19.37 -14.94
N ASP A 548 9.08 18.74 -15.58
CA ASP A 548 8.72 17.40 -15.19
C ASP A 548 9.86 16.45 -15.56
N ALA A 549 10.55 16.76 -16.65
CA ALA A 549 11.66 15.93 -17.07
C ALA A 549 12.75 16.00 -16.00
N LEU A 550 12.93 17.19 -15.42
CA LEU A 550 13.93 17.40 -14.39
C LEU A 550 13.53 16.70 -13.10
N THR A 551 12.26 16.82 -12.74
CA THR A 551 11.74 16.16 -11.56
C THR A 551 11.90 14.63 -11.70
N ALA A 552 11.66 14.12 -12.92
CA ALA A 552 11.81 12.69 -13.19
C ALA A 552 13.27 12.26 -13.01
N ARG A 553 14.17 13.09 -13.50
CA ARG A 553 15.58 12.78 -13.40
C ARG A 553 16.01 12.78 -11.92
N ASN A 554 15.58 13.78 -11.14
CA ASN A 554 15.93 13.81 -9.71
C ASN A 554 15.35 12.59 -8.99
N ASN A 555 14.33 11.97 -9.57
CA ASN A 555 13.74 10.79 -8.96
C ASN A 555 14.38 9.52 -9.51
N GLY A 556 15.45 9.68 -10.29
CA GLY A 556 16.14 8.52 -10.82
C GLY A 556 15.72 7.95 -12.17
N ALA A 557 14.91 8.69 -12.92
CA ALA A 557 14.48 8.19 -14.22
C ALA A 557 15.69 8.07 -15.13
N GLN A 558 15.69 7.02 -15.95
CA GLN A 558 16.79 6.79 -16.89
C GLN A 558 16.44 7.34 -18.28
N GLY A 559 15.44 8.22 -18.33
CA GLY A 559 15.03 8.80 -19.59
C GLY A 559 13.54 9.04 -19.59
N ILE A 560 13.01 9.44 -20.74
CA ILE A 560 11.59 9.69 -20.88
C ILE A 560 11.04 8.65 -21.86
N GLY A 561 10.18 7.78 -21.36
CA GLY A 561 9.59 6.75 -22.21
C GLY A 561 8.35 7.28 -22.93
N LEU A 562 7.79 8.38 -22.45
CA LEU A 562 6.63 8.94 -23.13
C LEU A 562 6.44 10.44 -22.94
N CYS A 563 6.76 11.18 -23.99
CA CYS A 563 6.55 12.61 -23.99
C CYS A 563 5.33 12.83 -24.92
N ARG A 564 4.21 13.24 -24.36
CA ARG A 564 2.97 13.44 -25.12
C ARG A 564 2.84 14.79 -25.82
N THR A 565 3.01 14.82 -27.14
CA THR A 565 2.94 16.08 -27.84
C THR A 565 1.63 16.87 -27.69
N GLU A 566 0.47 16.20 -27.57
CA GLU A 566 -0.77 16.96 -27.42
C GLU A 566 -0.77 17.75 -26.11
N HIS A 567 -0.15 17.21 -25.07
CA HIS A 567 -0.11 17.92 -23.80
C HIS A 567 0.66 19.23 -23.97
N MET A 568 1.64 19.26 -24.84
CA MET A 568 2.42 20.47 -25.09
C MET A 568 1.54 21.58 -25.67
N PHE A 569 0.52 21.22 -26.45
CA PHE A 569 -0.35 22.23 -27.03
C PHE A 569 -1.40 22.71 -26.03
N PHE A 570 -1.71 21.87 -25.06
CA PHE A 570 -2.70 22.22 -24.05
C PHE A 570 -2.08 23.09 -22.98
N ALA A 571 -0.76 23.29 -23.08
CA ALA A 571 0.02 24.08 -22.12
C ALA A 571 -0.39 25.53 -21.95
N SER A 572 -0.92 26.17 -22.99
CA SER A 572 -1.35 27.56 -22.87
C SER A 572 -2.51 27.87 -23.81
N ASP A 573 -3.27 28.92 -23.52
CA ASP A 573 -4.40 29.29 -24.37
C ASP A 573 -3.91 29.65 -25.76
N GLU A 574 -2.73 30.27 -25.81
CA GLU A 574 -2.17 30.70 -27.08
C GLU A 574 -1.88 29.50 -27.98
N ARG A 575 -1.28 28.46 -27.43
CA ARG A 575 -0.97 27.23 -28.19
C ARG A 575 -2.26 26.52 -28.62
N ILE A 576 -3.24 26.48 -27.74
CA ILE A 576 -4.51 25.82 -28.06
C ILE A 576 -5.20 26.59 -29.20
N LYS A 577 -5.19 27.91 -29.12
CA LYS A 577 -5.79 28.73 -30.15
C LYS A 577 -5.09 28.48 -31.49
N ALA A 578 -3.77 28.27 -31.42
CA ALA A 578 -2.98 28.00 -32.61
C ALA A 578 -3.42 26.67 -33.25
N VAL A 579 -3.68 25.65 -32.44
CA VAL A 579 -4.13 24.36 -32.97
C VAL A 579 -5.51 24.54 -33.62
N ARG A 580 -6.36 25.33 -32.98
CA ARG A 580 -7.70 25.63 -33.50
C ARG A 580 -7.63 26.36 -34.84
N GLN A 581 -6.65 27.26 -34.98
CA GLN A 581 -6.48 28.02 -36.22
C GLN A 581 -6.13 27.03 -37.33
N MET A 582 -5.25 26.07 -37.03
CA MET A 582 -4.88 25.07 -38.01
C MET A 582 -6.13 24.30 -38.42
N ILE A 583 -6.92 23.89 -37.42
CA ILE A 583 -8.13 23.13 -37.67
C ILE A 583 -9.19 23.89 -38.47
N MET A 584 -9.30 25.20 -38.27
CA MET A 584 -10.29 26.01 -38.97
C MET A 584 -9.78 26.69 -40.24
N ALA A 585 -8.47 26.59 -40.49
CA ALA A 585 -7.88 27.21 -41.68
C ALA A 585 -8.75 26.92 -42.91
N PRO A 586 -9.18 27.98 -43.61
CA PRO A 586 -10.02 27.82 -44.81
C PRO A 586 -9.28 27.51 -46.10
N THR A 587 -7.95 27.64 -46.10
CA THR A 587 -7.13 27.35 -47.28
C THR A 587 -5.87 26.64 -46.85
N LEU A 588 -5.21 25.96 -47.79
CA LEU A 588 -3.99 25.24 -47.47
C LEU A 588 -2.85 26.17 -47.07
N GLU A 589 -2.88 27.39 -47.58
CA GLU A 589 -1.83 28.35 -47.27
C GLU A 589 -1.91 28.82 -45.81
N LEU A 590 -3.12 29.03 -45.31
CA LEU A 590 -3.28 29.44 -43.93
C LEU A 590 -3.10 28.23 -43.02
N ARG A 591 -3.41 27.04 -43.55
CA ARG A 591 -3.26 25.83 -42.78
C ARG A 591 -1.77 25.59 -42.53
N GLN A 592 -0.96 25.81 -43.56
CA GLN A 592 0.48 25.61 -43.43
C GLN A 592 1.04 26.69 -42.54
N GLN A 593 0.44 27.87 -42.61
CA GLN A 593 0.87 29.00 -41.80
C GLN A 593 0.61 28.69 -40.33
N ALA A 594 -0.52 28.06 -40.06
CA ALA A 594 -0.87 27.68 -38.70
C ALA A 594 0.06 26.53 -38.25
N LEU A 595 0.30 25.59 -39.15
CA LEU A 595 1.18 24.46 -38.88
C LEU A 595 2.59 24.97 -38.54
N ASP A 596 3.09 25.94 -39.30
CA ASP A 596 4.40 26.52 -39.01
C ASP A 596 4.49 27.10 -37.60
N ARG A 597 3.43 27.78 -37.13
CA ARG A 597 3.45 28.28 -35.77
C ARG A 597 3.56 27.10 -34.78
N LEU A 598 2.92 25.99 -35.10
CA LEU A 598 3.02 24.84 -34.21
C LEU A 598 4.45 24.32 -34.18
N LEU A 599 5.16 24.53 -35.28
CA LEU A 599 6.55 24.11 -35.37
C LEU A 599 7.46 24.77 -34.29
N PRO A 600 7.46 26.13 -34.15
CA PRO A 600 8.31 26.77 -33.12
C PRO A 600 7.97 26.28 -31.75
N TYR A 601 6.67 26.20 -31.44
CA TYR A 601 6.23 25.73 -30.14
C TYR A 601 6.88 24.39 -29.86
N GLN A 602 6.68 23.47 -30.79
CA GLN A 602 7.22 22.12 -30.65
C GLN A 602 8.74 22.11 -30.56
N ARG A 603 9.38 22.77 -31.53
CA ARG A 603 10.83 22.82 -31.57
C ARG A 603 11.38 23.40 -30.27
N SER A 604 10.72 24.43 -29.77
CA SER A 604 11.15 25.07 -28.55
C SER A 604 11.04 24.16 -27.30
N ASP A 605 9.90 23.48 -27.18
CA ASP A 605 9.69 22.59 -26.04
C ASP A 605 10.63 21.41 -26.06
N PHE A 606 10.87 20.81 -27.22
CA PHE A 606 11.78 19.67 -27.30
C PHE A 606 13.20 20.09 -26.92
N GLU A 607 13.62 21.28 -27.35
CA GLU A 607 14.95 21.77 -26.99
C GLU A 607 15.10 21.82 -25.47
N GLY A 608 14.09 22.33 -24.78
CA GLY A 608 14.14 22.39 -23.34
C GLY A 608 14.12 20.98 -22.75
N ILE A 609 13.27 20.11 -23.29
CA ILE A 609 13.20 18.74 -22.80
C ILE A 609 14.53 18.02 -23.04
N PHE A 610 15.10 18.20 -24.24
CA PHE A 610 16.38 17.57 -24.55
C PHE A 610 17.48 18.10 -23.62
N ARG A 611 17.43 19.40 -23.32
CA ARG A 611 18.41 20.02 -22.44
C ARG A 611 18.34 19.39 -21.04
N ALA A 612 17.12 19.18 -20.54
CA ALA A 612 16.93 18.57 -19.23
C ALA A 612 17.33 17.10 -19.16
N MET A 613 17.16 16.36 -20.25
CA MET A 613 17.49 14.94 -20.25
C MET A 613 18.86 14.65 -20.85
N ASP A 614 19.69 15.70 -20.91
CA ASP A 614 21.05 15.62 -21.44
C ASP A 614 21.68 14.28 -21.12
N GLY A 615 21.91 13.45 -22.14
CA GLY A 615 22.53 12.17 -21.89
C GLY A 615 21.60 10.96 -21.87
N LEU A 616 20.30 11.22 -21.84
CA LEU A 616 19.34 10.12 -21.77
C LEU A 616 18.35 10.07 -22.93
N PRO A 617 17.88 8.88 -23.28
CA PRO A 617 16.93 8.75 -24.37
C PRO A 617 15.61 9.45 -24.01
N VAL A 618 14.99 10.06 -25.01
CA VAL A 618 13.73 10.77 -24.86
C VAL A 618 12.82 10.32 -26.00
N THR A 619 11.75 9.62 -25.62
CA THR A 619 10.79 9.09 -26.57
C THR A 619 9.57 9.98 -26.68
N ILE A 620 9.39 10.55 -27.87
CA ILE A 620 8.30 11.46 -28.19
C ILE A 620 7.19 10.79 -29.02
N ARG A 621 5.95 10.82 -28.52
CA ARG A 621 4.81 10.23 -29.26
C ARG A 621 4.15 11.31 -30.11
N LEU A 622 3.80 10.93 -31.33
CA LEU A 622 3.14 11.85 -32.29
C LEU A 622 1.70 12.13 -31.80
N LEU A 623 1.10 13.22 -32.32
CA LEU A 623 -0.26 13.66 -31.96
C LEU A 623 -1.16 12.43 -31.77
N ASP A 624 -1.67 12.29 -30.57
CA ASP A 624 -2.48 11.14 -30.18
C ASP A 624 -4.03 11.35 -30.23
N PRO A 625 -4.58 12.40 -29.60
CA PRO A 625 -6.05 12.65 -29.55
C PRO A 625 -6.77 13.00 -30.86
N PRO A 626 -8.12 12.76 -30.97
CA PRO A 626 -8.90 13.22 -32.11
C PRO A 626 -8.85 14.74 -32.06
N LEU A 627 -8.99 15.38 -33.19
CA LEU A 627 -8.89 16.85 -33.25
C LEU A 627 -9.98 17.62 -32.43
N HIS A 628 -11.13 17.03 -32.17
CA HIS A 628 -12.19 17.76 -31.42
C HIS A 628 -11.80 17.98 -29.96
N GLU A 629 -10.82 17.24 -29.48
CA GLU A 629 -10.38 17.40 -28.10
C GLU A 629 -9.74 18.80 -27.94
N PHE A 630 -9.36 19.40 -29.06
CA PHE A 630 -8.74 20.75 -29.04
C PHE A 630 -9.80 21.84 -29.20
N LEU A 631 -11.06 21.47 -29.34
CA LEU A 631 -12.11 22.46 -29.45
C LEU A 631 -12.62 22.90 -28.10
N PRO A 632 -13.11 24.15 -28.00
CA PRO A 632 -13.62 24.60 -26.70
C PRO A 632 -14.84 23.76 -26.32
N GLU A 633 -15.16 23.75 -25.02
CA GLU A 633 -16.32 23.00 -24.53
C GLU A 633 -17.46 23.93 -24.12
N GLY A 634 -18.65 23.37 -23.97
CA GLY A 634 -19.81 24.14 -23.58
C GLY A 634 -20.97 24.02 -24.57
N ASN A 635 -21.92 24.94 -24.47
CA ASN A 635 -23.08 24.98 -25.35
C ASN A 635 -22.61 25.18 -26.78
N ILE A 636 -23.26 24.53 -27.74
CA ILE A 636 -22.85 24.66 -29.12
C ILE A 636 -22.75 26.11 -29.59
N GLU A 637 -23.63 26.98 -29.06
CA GLU A 637 -23.63 28.40 -29.41
C GLU A 637 -22.31 29.06 -29.05
N ASP A 638 -21.84 28.81 -27.84
CA ASP A 638 -20.58 29.39 -27.35
C ASP A 638 -19.34 28.81 -28.02
N ILE A 639 -19.40 27.52 -28.36
CA ILE A 639 -18.27 26.90 -29.03
C ILE A 639 -18.11 27.56 -30.39
N VAL A 640 -19.23 27.79 -31.07
CA VAL A 640 -19.17 28.43 -32.37
C VAL A 640 -18.64 29.87 -32.22
N SER A 641 -19.27 30.63 -31.32
CA SER A 641 -18.89 32.03 -31.11
C SER A 641 -17.40 32.16 -30.84
N GLU A 642 -16.93 31.33 -29.93
CA GLU A 642 -15.53 31.35 -29.57
C GLU A 642 -14.62 30.95 -30.74
N LEU A 643 -15.05 29.97 -31.51
CA LEU A 643 -14.25 29.48 -32.64
C LEU A 643 -14.11 30.54 -33.75
N CYS A 644 -15.20 31.27 -34.00
CA CYS A 644 -15.17 32.30 -35.01
C CYS A 644 -14.26 33.46 -34.56
N ALA A 645 -14.40 33.87 -33.32
CA ALA A 645 -13.62 34.95 -32.76
C ALA A 645 -12.13 34.63 -32.77
N GLU A 646 -11.77 33.38 -32.50
CA GLU A 646 -10.37 32.97 -32.47
C GLU A 646 -9.73 32.62 -33.81
N THR A 647 -10.54 32.22 -34.78
CA THR A 647 -9.97 31.80 -36.07
C THR A 647 -10.38 32.58 -37.30
N GLY A 648 -11.52 33.24 -37.26
CA GLY A 648 -11.96 34.00 -38.42
C GLY A 648 -13.03 33.28 -39.22
N ALA A 649 -13.29 32.03 -38.86
CA ALA A 649 -14.29 31.27 -39.57
C ALA A 649 -15.62 31.95 -39.32
N ASN A 650 -16.56 31.78 -40.25
CA ASN A 650 -17.88 32.35 -40.09
C ASN A 650 -18.72 31.31 -39.34
N GLN A 651 -19.90 31.69 -38.87
CA GLN A 651 -20.75 30.77 -38.13
C GLN A 651 -21.04 29.47 -38.89
N GLU A 652 -21.21 29.57 -40.21
CA GLU A 652 -21.52 28.41 -41.05
C GLU A 652 -20.44 27.35 -41.07
N ASP A 653 -19.24 27.75 -41.49
CA ASP A 653 -18.13 26.82 -41.56
C ASP A 653 -17.70 26.29 -40.17
N ALA A 654 -17.91 27.08 -39.13
CA ALA A 654 -17.53 26.67 -37.78
C ALA A 654 -18.41 25.50 -37.34
N LEU A 655 -19.71 25.64 -37.54
CA LEU A 655 -20.64 24.59 -37.16
C LEU A 655 -20.42 23.34 -38.00
N ALA A 656 -20.25 23.51 -39.30
CA ALA A 656 -20.05 22.37 -40.17
C ALA A 656 -18.85 21.58 -39.70
N ARG A 657 -17.73 22.27 -39.48
CA ARG A 657 -16.51 21.58 -39.06
C ARG A 657 -16.62 20.88 -37.71
N ILE A 658 -17.35 21.48 -36.77
CA ILE A 658 -17.51 20.87 -35.45
C ILE A 658 -18.28 19.55 -35.60
N GLU A 659 -19.30 19.57 -36.45
CA GLU A 659 -20.10 18.39 -36.69
C GLU A 659 -19.21 17.32 -37.33
N LYS A 660 -18.43 17.70 -38.32
CA LYS A 660 -17.54 16.76 -38.99
C LYS A 660 -16.50 16.16 -38.03
N LEU A 661 -16.12 16.89 -36.99
CA LEU A 661 -15.14 16.37 -36.05
C LEU A 661 -15.77 15.60 -34.91
N SER A 662 -17.10 15.67 -34.81
CA SER A 662 -17.81 14.95 -33.75
C SER A 662 -17.76 13.44 -33.96
N GLU A 663 -17.73 12.69 -32.87
CA GLU A 663 -17.63 11.26 -32.95
C GLU A 663 -18.47 10.62 -31.88
N VAL A 664 -18.85 9.37 -32.12
CA VAL A 664 -19.65 8.57 -31.20
C VAL A 664 -18.76 7.95 -30.14
N ASN A 665 -17.62 7.38 -30.55
CA ASN A 665 -16.67 6.79 -29.59
C ASN A 665 -15.26 7.36 -29.85
N PRO A 666 -14.98 8.56 -29.31
CA PRO A 666 -13.69 9.28 -29.45
C PRO A 666 -12.45 8.45 -29.09
N MET A 667 -12.63 7.41 -28.31
CA MET A 667 -11.51 6.54 -27.96
C MET A 667 -11.00 5.80 -29.20
N LEU A 668 -11.90 5.48 -30.15
CA LEU A 668 -11.52 4.67 -31.30
C LEU A 668 -11.82 5.23 -32.68
N GLY A 669 -11.78 6.55 -32.81
CA GLY A 669 -12.06 7.19 -34.08
C GLY A 669 -10.85 7.67 -34.87
N PHE A 670 -11.02 8.85 -35.47
CA PHE A 670 -10.03 9.49 -36.33
C PHE A 670 -8.94 10.15 -35.49
N ARG A 671 -7.97 9.36 -35.05
CA ARG A 671 -6.91 9.86 -34.17
C ARG A 671 -5.61 9.09 -34.36
N GLY A 672 -4.54 9.54 -33.69
CA GLY A 672 -3.26 8.85 -33.78
C GLY A 672 -2.72 8.70 -35.18
N CYS A 673 -2.15 7.54 -35.50
CA CYS A 673 -1.59 7.36 -36.85
C CYS A 673 -2.64 7.50 -37.95
N ARG A 674 -3.91 7.29 -37.64
CA ARG A 674 -4.95 7.45 -38.67
C ARG A 674 -4.94 8.90 -39.16
N LEU A 675 -4.73 9.82 -38.23
CA LEU A 675 -4.69 11.24 -38.52
C LEU A 675 -3.34 11.61 -39.16
N GLY A 676 -2.25 11.05 -38.65
CA GLY A 676 -0.94 11.33 -39.21
C GLY A 676 -0.75 10.77 -40.60
N ILE A 677 -1.55 9.76 -40.95
CA ILE A 677 -1.51 9.12 -42.26
C ILE A 677 -2.38 9.90 -43.24
N SER A 678 -3.58 10.31 -42.80
CA SER A 678 -4.47 11.09 -43.66
C SER A 678 -4.01 12.56 -43.83
N TYR A 679 -3.28 13.10 -42.86
CA TYR A 679 -2.76 14.47 -42.96
C TYR A 679 -1.26 14.36 -42.66
N PRO A 680 -0.50 13.79 -43.59
CA PRO A 680 0.93 13.61 -43.41
C PRO A 680 1.71 14.84 -42.98
N GLU A 681 1.22 16.02 -43.33
CA GLU A 681 1.87 17.25 -42.95
C GLU A 681 1.94 17.40 -41.44
N LEU A 682 1.00 16.81 -40.72
CA LEU A 682 1.05 16.86 -39.27
C LEU A 682 2.31 16.14 -38.76
N THR A 683 2.52 14.91 -39.23
CA THR A 683 3.69 14.12 -38.82
C THR A 683 5.01 14.71 -39.36
N GLU A 684 4.96 15.32 -40.53
CA GLU A 684 6.19 15.94 -41.06
C GLU A 684 6.54 17.13 -40.17
N MET A 685 5.54 17.89 -39.72
CA MET A 685 5.77 19.03 -38.86
C MET A 685 6.38 18.61 -37.53
N GLN A 686 5.83 17.58 -36.89
CA GLN A 686 6.35 17.11 -35.61
C GLN A 686 7.73 16.49 -35.77
N ALA A 687 7.93 15.73 -36.83
CA ALA A 687 9.24 15.10 -37.05
C ALA A 687 10.29 16.18 -37.27
N ARG A 688 9.92 17.20 -38.03
CA ARG A 688 10.82 18.31 -38.32
C ARG A 688 11.23 18.97 -37.02
N ALA A 689 10.25 19.29 -36.18
CA ALA A 689 10.51 19.91 -34.90
C ALA A 689 11.43 19.07 -34.02
N ILE A 690 11.23 17.75 -34.04
CA ILE A 690 12.05 16.87 -33.22
C ILE A 690 13.53 16.89 -33.62
N PHE A 691 13.80 16.66 -34.91
CA PHE A 691 15.18 16.64 -35.39
C PHE A 691 15.88 18.00 -35.37
N GLU A 692 15.16 19.08 -35.67
CA GLU A 692 15.80 20.39 -35.61
C GLU A 692 16.13 20.71 -34.16
N ALA A 693 15.27 20.32 -33.23
CA ALA A 693 15.54 20.60 -31.83
C ALA A 693 16.73 19.76 -31.37
N ALA A 694 16.76 18.50 -31.81
CA ALA A 694 17.81 17.58 -31.46
C ALA A 694 19.14 18.10 -31.95
N ILE A 695 19.19 18.56 -33.19
CA ILE A 695 20.43 19.10 -33.74
C ILE A 695 20.85 20.38 -33.01
N ALA A 696 19.91 21.28 -32.83
CA ALA A 696 20.24 22.57 -32.21
C ALA A 696 20.88 22.36 -30.83
N MET A 697 20.42 21.37 -30.09
CA MET A 697 20.99 21.10 -28.74
C MET A 697 22.31 20.37 -28.85
N THR A 698 22.43 19.52 -29.86
CA THR A 698 23.67 18.80 -30.06
C THR A 698 24.80 19.79 -30.37
N ASN A 699 24.45 20.90 -31.01
CA ASN A 699 25.45 21.91 -31.35
C ASN A 699 25.86 22.72 -30.14
N GLN A 700 25.15 22.52 -29.03
CA GLN A 700 25.47 23.23 -27.81
C GLN A 700 26.11 22.30 -26.79
N GLY A 701 26.50 21.12 -27.23
CA GLY A 701 27.14 20.18 -26.32
C GLY A 701 26.21 19.25 -25.58
N VAL A 702 24.92 19.32 -25.88
CA VAL A 702 23.97 18.44 -25.23
C VAL A 702 23.95 17.12 -25.99
N GLN A 703 23.85 16.01 -25.26
CA GLN A 703 23.76 14.70 -25.88
C GLN A 703 22.27 14.36 -26.00
N VAL A 704 21.82 14.15 -27.24
CA VAL A 704 20.42 13.87 -27.51
C VAL A 704 20.21 12.50 -28.12
N PHE A 705 19.27 11.74 -27.56
CA PHE A 705 18.95 10.41 -28.06
C PHE A 705 17.43 10.39 -28.29
N PRO A 706 17.00 11.06 -29.38
CA PRO A 706 15.58 11.14 -29.73
C PRO A 706 14.96 9.86 -30.25
N GLU A 707 13.74 9.62 -29.84
CA GLU A 707 13.00 8.45 -30.29
C GLU A 707 11.60 8.93 -30.63
N ILE A 708 11.08 8.45 -31.76
CA ILE A 708 9.74 8.83 -32.19
C ILE A 708 8.80 7.63 -32.15
N MET A 709 7.72 7.79 -31.40
CA MET A 709 6.73 6.72 -31.24
C MET A 709 5.44 6.98 -32.03
N VAL A 710 5.05 6.04 -32.88
CA VAL A 710 3.83 6.16 -33.67
C VAL A 710 2.70 5.50 -32.85
N PRO A 711 1.62 6.23 -32.58
CA PRO A 711 0.55 5.65 -31.80
C PRO A 711 -0.59 4.96 -32.56
N LEU A 712 -1.32 4.11 -31.82
CA LEU A 712 -2.51 3.42 -32.29
C LEU A 712 -2.42 2.64 -33.59
N VAL A 713 -1.30 1.97 -33.80
CA VAL A 713 -1.07 1.18 -35.00
C VAL A 713 -1.75 -0.20 -34.90
N GLY A 714 -2.42 -0.64 -35.97
CA GLY A 714 -3.07 -1.94 -35.95
C GLY A 714 -2.59 -2.87 -37.06
N THR A 715 -1.74 -2.34 -37.93
CA THR A 715 -1.19 -3.05 -39.07
C THR A 715 0.25 -2.58 -39.31
N PRO A 716 1.06 -3.40 -40.00
CA PRO A 716 2.44 -2.97 -40.25
C PRO A 716 2.45 -1.87 -41.30
N GLN A 717 1.41 -1.83 -42.13
CA GLN A 717 1.32 -0.79 -43.16
C GLN A 717 1.17 0.63 -42.55
N GLU A 718 0.32 0.77 -41.53
CA GLU A 718 0.17 2.09 -40.89
C GLU A 718 1.53 2.54 -40.35
N LEU A 719 2.25 1.63 -39.71
CA LEU A 719 3.53 1.98 -39.13
C LEU A 719 4.56 2.30 -40.20
N GLY A 720 4.60 1.48 -41.25
CA GLY A 720 5.56 1.72 -42.32
C GLY A 720 5.35 3.07 -43.00
N HIS A 721 4.09 3.47 -43.16
CA HIS A 721 3.78 4.75 -43.78
C HIS A 721 4.38 5.89 -42.96
N GLN A 722 4.13 5.88 -41.65
CA GLN A 722 4.62 6.94 -40.78
C GLN A 722 6.14 6.92 -40.63
N VAL A 723 6.71 5.72 -40.53
CA VAL A 723 8.16 5.57 -40.43
C VAL A 723 8.83 6.12 -41.69
N THR A 724 8.26 5.85 -42.86
CA THR A 724 8.85 6.35 -44.11
C THR A 724 8.88 7.87 -44.10
N LEU A 725 7.78 8.47 -43.64
CA LEU A 725 7.66 9.91 -43.58
C LEU A 725 8.69 10.49 -42.61
N ILE A 726 8.77 9.88 -41.42
CA ILE A 726 9.73 10.33 -40.41
C ILE A 726 11.20 10.27 -40.90
N ARG A 727 11.55 9.22 -41.65
CA ARG A 727 12.92 9.06 -42.15
C ARG A 727 13.22 10.04 -43.28
N GLN A 728 12.21 10.38 -44.07
CA GLN A 728 12.44 11.34 -45.15
C GLN A 728 12.70 12.72 -44.56
N VAL A 729 11.97 13.06 -43.51
CA VAL A 729 12.16 14.36 -42.86
C VAL A 729 13.51 14.40 -42.15
N ALA A 730 13.90 13.28 -41.55
CA ALA A 730 15.20 13.18 -40.88
C ALA A 730 16.34 13.52 -41.85
N GLU A 731 16.31 12.88 -43.01
CA GLU A 731 17.37 13.10 -44.00
C GLU A 731 17.37 14.51 -44.57
N LYS A 732 16.20 15.11 -44.77
CA LYS A 732 16.15 16.48 -45.29
C LYS A 732 16.76 17.43 -44.26
N VAL A 733 16.36 17.28 -43.00
CA VAL A 733 16.85 18.12 -41.92
C VAL A 733 18.37 17.95 -41.74
N PHE A 734 18.83 16.71 -41.77
CA PHE A 734 20.26 16.44 -41.61
C PHE A 734 21.07 17.03 -42.77
N ALA A 735 20.49 17.01 -43.96
CA ALA A 735 21.14 17.57 -45.14
C ALA A 735 21.18 19.09 -45.05
N ASN A 736 20.07 19.70 -44.63
CA ASN A 736 20.00 21.17 -44.51
C ASN A 736 20.96 21.68 -43.45
N VAL A 737 21.04 20.97 -42.33
CA VAL A 737 21.90 21.34 -41.23
C VAL A 737 23.34 20.84 -41.43
N GLY A 738 23.52 19.89 -42.34
CA GLY A 738 24.85 19.37 -42.58
C GLY A 738 25.38 18.47 -41.48
N LYS A 739 24.47 17.92 -40.67
CA LYS A 739 24.87 17.05 -39.57
C LYS A 739 23.84 15.96 -39.35
N THR A 740 24.31 14.79 -38.94
CA THR A 740 23.43 13.66 -38.69
C THR A 740 23.62 13.06 -37.32
N ILE A 741 22.52 12.67 -36.69
CA ILE A 741 22.61 12.02 -35.40
C ILE A 741 21.72 10.79 -35.39
N GLY A 742 21.96 9.90 -34.44
CA GLY A 742 21.19 8.68 -34.34
C GLY A 742 19.83 8.95 -33.71
N TYR A 743 18.88 8.08 -34.04
CA TYR A 743 17.53 8.20 -33.51
C TYR A 743 16.83 6.88 -33.81
N LYS A 744 15.75 6.64 -33.08
CA LYS A 744 14.97 5.42 -33.28
C LYS A 744 13.53 5.79 -33.54
N VAL A 745 12.85 4.91 -34.25
CA VAL A 745 11.45 5.06 -34.55
C VAL A 745 10.81 3.80 -34.01
N GLY A 746 9.66 3.96 -33.36
CA GLY A 746 8.99 2.81 -32.79
C GLY A 746 7.50 3.00 -32.78
N THR A 747 6.81 2.15 -32.03
CA THR A 747 5.37 2.25 -32.03
C THR A 747 4.77 1.92 -30.67
N MET A 748 3.57 2.43 -30.44
CA MET A 748 2.87 2.10 -29.22
C MET A 748 2.00 0.91 -29.56
N ILE A 749 2.06 -0.15 -28.74
CA ILE A 749 1.26 -1.36 -28.96
C ILE A 749 0.08 -1.25 -28.01
N GLU A 750 -1.11 -0.95 -28.54
CA GLU A 750 -2.29 -0.75 -27.70
C GLU A 750 -3.56 -1.32 -28.31
N ILE A 751 -3.46 -1.73 -29.57
CA ILE A 751 -4.58 -2.30 -30.27
C ILE A 751 -4.35 -3.82 -30.21
N PRO A 752 -5.38 -4.59 -29.84
CA PRO A 752 -5.22 -6.06 -29.76
C PRO A 752 -4.61 -6.63 -31.05
N ARG A 753 -5.13 -6.21 -32.21
CA ARG A 753 -4.62 -6.70 -33.48
C ARG A 753 -3.11 -6.48 -33.63
N ALA A 754 -2.58 -5.41 -33.06
CA ALA A 754 -1.16 -5.14 -33.18
C ALA A 754 -0.37 -6.25 -32.50
N ALA A 755 -0.90 -6.75 -31.39
CA ALA A 755 -0.24 -7.83 -30.68
C ALA A 755 -0.30 -9.11 -31.51
N LEU A 756 -1.40 -9.31 -32.23
CA LEU A 756 -1.59 -10.51 -33.07
C LEU A 756 -0.61 -10.56 -34.27
N VAL A 757 -0.30 -9.39 -34.85
CA VAL A 757 0.63 -9.30 -35.98
C VAL A 757 1.90 -8.58 -35.56
N ALA A 758 2.29 -8.77 -34.31
CA ALA A 758 3.48 -8.16 -33.74
C ALA A 758 4.77 -8.47 -34.51
N ASP A 759 4.88 -9.66 -35.09
CA ASP A 759 6.10 -10.02 -35.81
C ASP A 759 6.30 -9.12 -37.02
N GLU A 760 5.22 -8.84 -37.75
CA GLU A 760 5.32 -7.96 -38.93
C GLU A 760 5.56 -6.51 -38.52
N ILE A 761 4.88 -6.07 -37.46
CA ILE A 761 5.05 -4.72 -36.98
C ILE A 761 6.50 -4.48 -36.51
N ALA A 762 7.16 -5.54 -36.01
CA ALA A 762 8.55 -5.41 -35.56
C ALA A 762 9.54 -5.17 -36.71
N GLU A 763 9.13 -5.45 -37.94
CA GLU A 763 10.02 -5.22 -39.08
C GLU A 763 10.17 -3.73 -39.34
N GLN A 764 9.20 -2.96 -38.87
CA GLN A 764 9.21 -1.51 -39.02
C GLN A 764 9.61 -0.81 -37.74
N ALA A 765 9.28 -1.41 -36.59
CA ALA A 765 9.57 -0.80 -35.30
C ALA A 765 10.86 -1.29 -34.62
N GLU A 766 11.58 -0.34 -34.03
CA GLU A 766 12.82 -0.64 -33.31
C GLU A 766 12.51 -0.79 -31.83
N PHE A 767 11.29 -0.37 -31.47
CA PHE A 767 10.88 -0.58 -30.08
C PHE A 767 9.37 -0.62 -29.96
N PHE A 768 8.95 -1.37 -28.94
CA PHE A 768 7.53 -1.55 -28.60
C PHE A 768 7.22 -0.85 -27.28
N SER A 769 6.23 0.01 -27.34
CA SER A 769 5.77 0.76 -26.16
C SER A 769 4.31 0.42 -25.90
N PHE A 770 4.15 -0.49 -24.97
CA PHE A 770 2.83 -0.98 -24.58
C PHE A 770 2.01 0.09 -23.86
N GLY A 771 0.82 0.25 -24.39
CA GLY A 771 -0.19 1.18 -23.87
C GLY A 771 -1.30 0.31 -23.30
N THR A 772 -0.93 -0.31 -22.19
CA THR A 772 -1.79 -1.24 -21.45
C THR A 772 -3.12 -0.62 -21.00
N ASN A 773 -3.16 0.68 -20.86
CA ASN A 773 -4.40 1.35 -20.45
C ASN A 773 -5.46 1.25 -21.55
N ASP A 774 -5.00 1.53 -22.75
CA ASP A 774 -5.84 1.49 -23.94
C ASP A 774 -6.02 0.05 -24.41
N LEU A 775 -4.96 -0.74 -24.18
CA LEU A 775 -4.99 -2.17 -24.53
C LEU A 775 -6.02 -2.90 -23.68
N THR A 776 -6.13 -2.42 -22.45
CA THR A 776 -7.06 -2.97 -21.46
C THR A 776 -8.49 -2.56 -21.84
N GLN A 777 -8.60 -1.33 -22.30
CA GLN A 777 -9.88 -0.75 -22.71
C GLN A 777 -10.47 -1.58 -23.88
N MET A 778 -9.63 -1.82 -24.86
CA MET A 778 -10.03 -2.57 -26.06
C MET A 778 -10.14 -4.09 -25.81
N THR A 779 -9.28 -4.62 -24.95
CA THR A 779 -9.29 -6.07 -24.64
C THR A 779 -10.51 -6.46 -23.78
N PHE A 780 -10.84 -5.58 -22.84
CA PHE A 780 -11.98 -5.79 -21.92
C PHE A 780 -13.26 -5.18 -22.49
N GLY A 781 -13.07 -4.30 -23.45
CA GLY A 781 -14.19 -3.59 -24.06
C GLY A 781 -14.77 -2.69 -22.98
N TYR A 782 -13.84 -2.07 -22.27
CA TYR A 782 -14.12 -1.16 -21.14
C TYR A 782 -13.73 0.28 -21.44
N SER A 783 -14.72 1.14 -21.41
CA SER A 783 -14.48 2.57 -21.60
C SER A 783 -14.22 3.19 -20.23
N ARG A 784 -12.95 3.27 -19.87
CA ARG A 784 -12.55 3.66 -18.51
C ARG A 784 -13.40 4.82 -17.96
N ASP A 785 -13.67 5.80 -18.80
CA ASP A 785 -14.46 6.98 -18.39
C ASP A 785 -15.90 6.62 -18.02
N ASP A 786 -16.36 5.47 -18.46
CA ASP A 786 -17.75 5.08 -18.24
C ASP A 786 -18.01 3.81 -17.39
N VAL A 787 -17.02 2.97 -17.22
CA VAL A 787 -17.23 1.70 -16.46
C VAL A 787 -17.27 1.89 -14.94
N GLY A 788 -17.00 3.08 -14.50
CA GLY A 788 -17.01 3.39 -13.06
C GLY A 788 -18.41 3.10 -12.46
N LYS A 789 -19.39 3.09 -13.34
CA LYS A 789 -20.78 2.87 -12.93
C LYS A 789 -21.05 1.41 -12.53
N PHE A 790 -20.19 0.46 -12.89
CA PHE A 790 -20.47 -0.95 -12.52
C PHE A 790 -19.21 -1.67 -12.02
N ILE A 791 -18.03 -1.10 -12.09
CA ILE A 791 -16.81 -1.75 -11.55
C ILE A 791 -16.98 -2.09 -10.06
N PRO A 792 -17.50 -1.14 -9.27
CA PRO A 792 -17.68 -1.40 -7.83
C PRO A 792 -18.55 -2.63 -7.58
N VAL A 793 -19.59 -2.79 -8.41
CA VAL A 793 -20.47 -3.94 -8.28
C VAL A 793 -19.68 -5.20 -8.64
N TYR A 794 -18.93 -5.14 -9.74
CA TYR A 794 -18.14 -6.30 -10.14
C TYR A 794 -17.14 -6.72 -9.06
N LEU A 795 -16.50 -5.74 -8.43
CA LEU A 795 -15.53 -6.05 -7.39
C LEU A 795 -16.22 -6.65 -6.14
N ALA A 796 -17.38 -6.11 -5.77
CA ALA A 796 -18.09 -6.62 -4.59
C ALA A 796 -18.68 -8.02 -4.81
N GLN A 797 -19.02 -8.36 -6.04
CA GLN A 797 -19.60 -9.66 -6.32
C GLN A 797 -18.60 -10.71 -6.76
N GLY A 798 -17.33 -10.36 -6.73
CA GLY A 798 -16.30 -11.31 -7.09
C GLY A 798 -16.10 -11.54 -8.57
N ILE A 799 -16.79 -10.72 -9.39
CA ILE A 799 -16.65 -10.90 -10.84
C ILE A 799 -15.24 -10.45 -11.29
N LEU A 800 -14.75 -9.40 -10.68
CA LEU A 800 -13.40 -8.90 -10.95
C LEU A 800 -12.62 -8.96 -9.62
N GLN A 801 -11.35 -9.24 -9.70
CA GLN A 801 -10.50 -9.31 -8.49
C GLN A 801 -9.92 -7.91 -8.22
N HIS A 802 -9.59 -7.22 -9.30
CA HIS A 802 -9.03 -5.86 -9.22
C HIS A 802 -9.52 -5.06 -10.40
N ASP A 803 -9.44 -3.75 -10.27
CA ASP A 803 -9.79 -2.88 -11.37
C ASP A 803 -8.67 -3.06 -12.38
N PRO A 804 -8.95 -3.53 -13.61
CA PRO A 804 -7.92 -3.82 -14.60
C PRO A 804 -7.10 -2.60 -14.99
N PHE A 805 -7.63 -1.41 -14.77
CA PHE A 805 -6.91 -0.17 -15.15
C PHE A 805 -5.85 0.21 -14.10
N GLU A 806 -5.97 -0.34 -12.91
CA GLU A 806 -5.01 -0.06 -11.82
C GLU A 806 -4.01 -1.21 -11.69
N VAL A 807 -4.49 -2.43 -11.82
CA VAL A 807 -3.65 -3.61 -11.69
C VAL A 807 -3.78 -4.39 -13.00
N LEU A 808 -2.66 -4.55 -13.69
CA LEU A 808 -2.60 -5.26 -14.96
C LEU A 808 -3.28 -6.62 -14.88
N ASP A 809 -4.17 -6.87 -15.83
CA ASP A 809 -4.89 -8.13 -15.91
C ASP A 809 -3.94 -9.12 -16.59
N GLN A 810 -3.17 -9.83 -15.76
CA GLN A 810 -2.17 -10.79 -16.21
C GLN A 810 -2.69 -11.94 -17.08
N ARG A 811 -3.88 -12.44 -16.77
CA ARG A 811 -4.45 -13.55 -17.53
C ARG A 811 -4.87 -13.16 -18.95
N GLY A 812 -5.48 -11.99 -19.10
CA GLY A 812 -5.95 -11.55 -20.41
C GLY A 812 -5.02 -10.58 -21.11
N VAL A 813 -5.02 -9.33 -20.67
CA VAL A 813 -4.15 -8.32 -21.26
C VAL A 813 -2.67 -8.76 -21.23
N GLY A 814 -2.25 -9.38 -20.12
CA GLY A 814 -0.87 -9.83 -19.98
C GLY A 814 -0.48 -10.87 -21.01
N GLU A 815 -1.44 -11.70 -21.40
CA GLU A 815 -1.21 -12.74 -22.40
C GLU A 815 -0.91 -12.08 -23.75
N LEU A 816 -1.59 -10.97 -24.06
CA LEU A 816 -1.35 -10.29 -25.33
C LEU A 816 0.02 -9.60 -25.26
N VAL A 817 0.37 -9.14 -24.05
CA VAL A 817 1.65 -8.50 -23.85
C VAL A 817 2.78 -9.52 -24.07
N LYS A 818 2.64 -10.72 -23.51
CA LYS A 818 3.64 -11.78 -23.68
C LYS A 818 3.73 -12.22 -25.14
N PHE A 819 2.58 -12.44 -25.75
CA PHE A 819 2.52 -12.84 -27.15
C PHE A 819 3.20 -11.81 -28.04
N ALA A 820 2.85 -10.53 -27.87
CA ALA A 820 3.47 -9.48 -28.70
C ALA A 820 4.97 -9.40 -28.49
N THR A 821 5.41 -9.51 -27.25
CA THR A 821 6.83 -9.44 -26.95
C THR A 821 7.59 -10.59 -27.62
N GLU A 822 7.10 -11.82 -27.48
CA GLU A 822 7.73 -12.97 -28.11
C GLU A 822 7.78 -12.92 -29.63
N ARG A 823 6.65 -12.59 -30.27
CA ARG A 823 6.62 -12.53 -31.72
C ARG A 823 7.46 -11.38 -32.26
N GLY A 824 7.42 -10.24 -31.58
CA GLY A 824 8.20 -9.12 -32.04
C GLY A 824 9.68 -9.43 -31.98
N ARG A 825 10.12 -10.04 -30.88
CA ARG A 825 11.53 -10.36 -30.72
C ARG A 825 12.04 -11.46 -31.66
N LYS A 826 11.16 -12.37 -32.10
CA LYS A 826 11.59 -13.41 -33.03
C LYS A 826 11.93 -12.75 -34.37
N ALA A 827 11.16 -11.73 -34.74
CA ALA A 827 11.39 -11.00 -35.98
C ALA A 827 12.60 -10.06 -35.85
N ARG A 828 12.71 -9.34 -34.73
CA ARG A 828 13.83 -8.41 -34.50
C ARG A 828 14.36 -8.73 -33.10
N PRO A 829 15.35 -9.64 -33.04
CA PRO A 829 15.96 -10.09 -31.79
C PRO A 829 16.28 -9.05 -30.73
N ASN A 830 16.78 -7.89 -31.16
CA ASN A 830 17.12 -6.85 -30.22
C ASN A 830 16.01 -5.81 -30.04
N LEU A 831 14.76 -6.18 -30.38
CA LEU A 831 13.64 -5.27 -30.21
C LEU A 831 13.51 -4.83 -28.75
N LYS A 832 13.53 -3.51 -28.51
CA LYS A 832 13.34 -2.97 -27.16
C LYS A 832 11.83 -2.94 -26.89
N VAL A 833 11.40 -3.56 -25.79
CA VAL A 833 10.00 -3.63 -25.44
C VAL A 833 9.77 -3.05 -24.05
N GLY A 834 8.79 -2.16 -23.95
CA GLY A 834 8.50 -1.55 -22.67
C GLY A 834 7.02 -1.21 -22.55
N ILE A 835 6.67 -0.51 -21.48
CA ILE A 835 5.29 -0.13 -21.22
C ILE A 835 5.27 1.26 -20.60
N CYS A 836 4.27 2.05 -21.00
CA CYS A 836 4.10 3.41 -20.50
C CYS A 836 2.69 3.59 -19.95
N GLY A 837 2.58 3.97 -18.68
CA GLY A 837 1.26 4.15 -18.09
C GLY A 837 1.29 3.85 -16.61
N GLU A 838 0.15 3.99 -15.93
CA GLU A 838 0.15 3.75 -14.49
C GLU A 838 0.50 2.31 -14.14
N HIS A 839 0.25 1.37 -15.03
CA HIS A 839 0.64 0.01 -14.73
C HIS A 839 2.18 -0.02 -14.57
N GLY A 840 2.89 0.89 -15.21
CA GLY A 840 4.33 0.92 -15.13
C GLY A 840 4.83 1.42 -13.78
N GLY A 841 3.89 1.81 -12.92
CA GLY A 841 4.29 2.28 -11.62
C GLY A 841 3.61 1.50 -10.52
N GLU A 842 2.86 0.46 -10.88
CA GLU A 842 2.15 -0.36 -9.91
C GLU A 842 2.98 -1.65 -9.70
N PRO A 843 3.46 -1.88 -8.46
CA PRO A 843 4.28 -3.02 -8.04
C PRO A 843 3.98 -4.42 -8.63
N SER A 844 2.75 -4.92 -8.45
CA SER A 844 2.44 -6.24 -8.98
C SER A 844 2.55 -6.25 -10.52
N SER A 845 2.19 -5.13 -11.15
CA SER A 845 2.26 -5.02 -12.60
C SER A 845 3.71 -4.98 -13.06
N VAL A 846 4.52 -4.17 -12.37
CA VAL A 846 5.92 -4.10 -12.69
C VAL A 846 6.57 -5.48 -12.53
N ALA A 847 6.19 -6.23 -11.50
CA ALA A 847 6.77 -7.56 -11.31
C ALA A 847 6.45 -8.45 -12.53
N PHE A 848 5.22 -8.36 -13.03
CA PHE A 848 4.80 -9.12 -14.19
C PHE A 848 5.64 -8.73 -15.41
N PHE A 849 5.77 -7.42 -15.65
CA PHE A 849 6.54 -6.94 -16.79
C PHE A 849 7.98 -7.47 -16.73
N ALA A 850 8.57 -7.46 -15.54
CA ALA A 850 9.93 -7.96 -15.37
C ALA A 850 9.98 -9.44 -15.77
N LYS A 851 9.08 -10.25 -15.23
CA LYS A 851 9.02 -11.69 -15.55
C LYS A 851 8.67 -11.97 -17.00
N ALA A 852 7.95 -11.04 -17.64
CA ALA A 852 7.57 -11.23 -19.03
C ALA A 852 8.73 -10.90 -19.96
N GLY A 853 9.82 -10.39 -19.40
CA GLY A 853 10.97 -10.09 -20.23
C GLY A 853 11.03 -8.72 -20.88
N LEU A 854 10.24 -7.77 -20.39
CA LEU A 854 10.32 -6.44 -20.98
C LEU A 854 11.66 -5.82 -20.59
N ASP A 855 12.05 -4.80 -21.35
CA ASP A 855 13.28 -4.06 -21.15
C ASP A 855 13.09 -2.88 -20.20
N TYR A 856 11.88 -2.34 -20.14
CA TYR A 856 11.67 -1.20 -19.25
C TYR A 856 10.20 -0.87 -18.98
N VAL A 857 9.98 -0.02 -17.97
CA VAL A 857 8.63 0.47 -17.64
C VAL A 857 8.79 1.99 -17.59
N SER A 858 7.69 2.72 -17.82
CA SER A 858 7.73 4.19 -17.81
C SER A 858 6.43 4.65 -17.14
N CYS A 859 6.61 5.46 -16.10
CA CYS A 859 5.50 5.92 -15.28
C CYS A 859 5.69 7.39 -14.92
N SER A 860 4.81 7.89 -14.09
CA SER A 860 4.88 9.28 -13.68
C SER A 860 6.16 9.54 -12.90
N PRO A 861 6.69 10.78 -12.95
CA PRO A 861 7.90 11.11 -12.25
C PRO A 861 7.98 10.64 -10.83
N PHE A 862 6.93 10.78 -10.06
CA PHE A 862 7.06 10.43 -8.64
C PHE A 862 6.85 8.94 -8.36
N ARG A 863 6.43 8.21 -9.36
CA ARG A 863 6.22 6.77 -9.22
C ARG A 863 7.49 6.01 -9.62
N VAL A 864 8.40 6.74 -10.25
CA VAL A 864 9.68 6.17 -10.72
C VAL A 864 10.38 5.40 -9.60
N PRO A 865 10.68 5.98 -8.41
CA PRO A 865 11.34 5.23 -7.37
C PRO A 865 10.54 3.97 -6.98
N ILE A 866 9.22 4.02 -7.04
CA ILE A 866 8.39 2.84 -6.68
C ILE A 866 8.59 1.71 -7.71
N ALA A 867 8.64 2.09 -8.96
CA ALA A 867 8.85 1.14 -10.04
C ALA A 867 10.23 0.50 -9.87
N ARG A 868 11.21 1.33 -9.58
CA ARG A 868 12.59 0.86 -9.38
C ARG A 868 12.60 -0.20 -8.28
N LEU A 869 11.97 0.14 -7.16
CA LEU A 869 11.89 -0.77 -6.00
C LEU A 869 11.22 -2.09 -6.40
N ALA A 870 10.05 -2.01 -7.05
CA ALA A 870 9.34 -3.21 -7.45
C ALA A 870 10.14 -4.02 -8.46
N ALA A 871 10.81 -3.36 -9.40
CA ALA A 871 11.62 -4.08 -10.38
C ALA A 871 12.77 -4.86 -9.70
N ALA A 872 13.17 -4.47 -8.50
CA ALA A 872 14.23 -5.17 -7.77
C ALA A 872 13.67 -6.32 -6.92
N GLN A 873 12.59 -6.04 -6.18
CA GLN A 873 11.98 -7.05 -5.31
C GLN A 873 11.49 -8.32 -5.99
N VAL A 874 11.06 -8.23 -7.24
CA VAL A 874 10.56 -9.40 -7.96
C VAL A 874 11.71 -10.39 -8.27
N LEU A 875 12.95 -9.92 -8.24
CA LEU A 875 14.10 -10.76 -8.54
C LEU A 875 14.79 -11.25 -7.29
N VAL A 876 14.27 -10.81 -6.15
CA VAL A 876 14.84 -11.12 -4.87
C VAL A 876 13.94 -12.02 -4.03
MG MG B . -3.44 5.51 -26.66
S SO4 C . -2.31 8.06 -22.72
O1 SO4 C . -1.92 9.46 -22.89
O2 SO4 C . -3.76 7.94 -22.98
O3 SO4 C . -1.56 7.22 -23.68
O4 SO4 C . -2.04 7.63 -21.36
S SO4 D . 1.15 8.44 -16.24
O1 SO4 D . 2.06 9.36 -16.92
O2 SO4 D . 0.02 8.08 -17.13
O3 SO4 D . 1.87 7.19 -15.85
O4 SO4 D . 0.62 9.09 -15.02
S SO4 E . 17.73 12.66 8.51
O1 SO4 E . 18.54 13.83 8.11
O2 SO4 E . 16.37 13.11 8.89
O3 SO4 E . 17.64 11.71 7.38
O4 SO4 E . 18.37 11.99 9.65
#